data_3M4F
#
_entry.id   3M4F
#
_cell.length_a   144.660
_cell.length_b   144.660
_cell.length_c   144.660
_cell.angle_alpha   90.00
_cell.angle_beta   90.00
_cell.angle_gamma   90.00
#
_symmetry.space_group_name_H-M   'P 21 3'
#
loop_
_entity.id
_entity.type
_entity.pdbx_description
1 polymer Endo-1,4-beta-xylanase
2 non-polymer '3-CYCLOHEXYL-1-PROPYLSULFONIC ACID'
3 water water
#
_entity_poly.entity_id   1
_entity_poly.type   'polypeptide(L)'
_entity_poly.pdbx_seq_one_letter_code
;MKFTLTIAGLLAVGSTAAPTTEKRNPGGIDYVQNYNGDVADFQYNEGAGTYTCGWDGSTDFVVGLGWSTGAARDITYSAT
YNAGGSGSYLAVYGWVNSPQAEYYIVESYGDYNPCSNAEGLGTLESDGSTYTVCTDTRTNEPSITGTSTFTQYWSVRQSE
RTSGTVTVGNHFNYWAQHGFGDSYNFQVMAVEAFSGSGSASVSVS
;
_entity_poly.pdbx_strand_id   A,B,C,D
#
loop_
_chem_comp.id
_chem_comp.type
_chem_comp.name
_chem_comp.formula
CXS non-polymer '3-CYCLOHEXYL-1-PROPYLSULFONIC ACID' 'C9 H19 N O3 S'
#
# COMPACT_ATOMS: atom_id res chain seq x y z
N ASN A 25 -15.45 8.42 -11.93
CA ASN A 25 -14.72 7.81 -10.78
C ASN A 25 -13.88 6.64 -11.32
N PRO A 26 -12.86 6.17 -10.56
CA PRO A 26 -12.02 5.04 -11.04
C PRO A 26 -12.89 3.86 -11.48
N GLY A 27 -12.63 3.32 -12.68
CA GLY A 27 -13.38 2.16 -13.20
C GLY A 27 -14.87 2.39 -13.38
N GLY A 28 -15.32 3.65 -13.36
CA GLY A 28 -16.73 3.96 -13.43
C GLY A 28 -17.47 3.68 -12.12
N ILE A 29 -16.74 3.56 -11.01
CA ILE A 29 -17.39 3.36 -9.69
C ILE A 29 -18.56 4.36 -9.49
N ASP A 30 -19.73 3.86 -9.08
CA ASP A 30 -20.91 4.73 -8.92
C ASP A 30 -21.78 4.32 -7.70
N TYR A 31 -21.20 3.53 -6.80
CA TYR A 31 -22.00 2.88 -5.76
C TYR A 31 -21.22 2.72 -4.48
N VAL A 32 -21.89 2.98 -3.35
CA VAL A 32 -21.29 2.83 -2.02
C VAL A 32 -22.06 1.73 -1.33
N GLN A 33 -21.38 0.66 -0.96
CA GLN A 33 -22.01 -0.41 -0.20
C GLN A 33 -21.92 -0.06 1.26
N ASN A 34 -23.08 -0.02 1.93
CA ASN A 34 -23.09 0.33 3.35
C ASN A 34 -24.14 -0.46 4.12
N TYR A 35 -23.80 -1.70 4.49
CA TYR A 35 -24.67 -2.46 5.39
C TYR A 35 -24.04 -2.46 6.77
N ASN A 36 -24.68 -1.75 7.73
CA ASN A 36 -24.16 -1.69 9.11
C ASN A 36 -22.77 -1.07 9.21
N GLY A 37 -22.43 -0.20 8.27
CA GLY A 37 -21.10 0.45 8.24
C GLY A 37 -20.78 1.26 9.48
N ASP A 38 -21.85 1.62 10.22
CA ASP A 38 -21.71 2.36 11.47
C ASP A 38 -21.00 1.60 12.58
N VAL A 39 -20.93 0.28 12.50
CA VAL A 39 -20.13 -0.47 13.48
C VAL A 39 -18.67 -0.68 13.02
N ALA A 40 -18.37 -0.21 11.81
CA ALA A 40 -17.07 -0.52 11.18
C ALA A 40 -16.32 0.75 10.82
N ASP A 41 -16.70 1.86 11.44
CA ASP A 41 -16.02 3.15 11.17
C ASP A 41 -15.78 3.36 9.66
N PHE A 42 -16.80 3.07 8.86
CA PHE A 42 -16.63 3.02 7.40
C PHE A 42 -16.59 4.45 6.82
N GLN A 43 -15.48 4.78 6.13
CA GLN A 43 -15.27 6.11 5.52
C GLN A 43 -14.84 5.87 4.06
N TYR A 44 -15.31 6.70 3.15
CA TYR A 44 -15.09 6.46 1.71
C TYR A 44 -14.88 7.74 0.89
N ASN A 45 -14.37 7.56 -0.33
CA ASN A 45 -14.17 8.63 -1.28
C ASN A 45 -14.41 8.01 -2.64
N GLU A 46 -15.60 8.25 -3.18
CA GLU A 46 -15.96 7.71 -4.49
C GLU A 46 -15.03 8.17 -5.61
N GLY A 47 -14.67 9.45 -5.60
CA GLY A 47 -13.81 10.05 -6.63
C GLY A 47 -12.41 9.47 -6.69
N ALA A 48 -11.86 9.13 -5.54
CA ALA A 48 -10.52 8.52 -5.43
C ALA A 48 -10.61 6.98 -5.53
N GLY A 49 -11.82 6.43 -5.38
CA GLY A 49 -12.05 4.98 -5.32
C GLY A 49 -11.45 4.36 -4.08
N THR A 50 -11.50 5.08 -2.95
CA THR A 50 -10.93 4.58 -1.71
C THR A 50 -11.95 4.46 -0.55
N TYR A 51 -11.61 3.58 0.38
CA TYR A 51 -12.31 3.52 1.65
C TYR A 51 -11.48 2.91 2.76
N THR A 52 -11.91 3.19 3.99
CA THR A 52 -11.32 2.58 5.17
C THR A 52 -12.41 2.05 6.10
N CYS A 53 -12.06 1.07 6.92
CA CYS A 53 -12.92 0.65 8.00
C CYS A 53 -12.07 0.07 9.12
N GLY A 54 -12.68 -0.08 10.30
CA GLY A 54 -12.01 -0.60 11.45
C GLY A 54 -13.13 -1.11 12.37
N TRP A 55 -12.96 -2.32 12.87
CA TRP A 55 -14.04 -2.98 13.60
C TRP A 55 -13.54 -3.73 14.82
N ASP A 56 -14.47 -3.99 15.74
CA ASP A 56 -14.22 -4.79 16.93
C ASP A 56 -15.62 -5.06 17.47
N GLY A 57 -16.22 -6.15 17.03
CA GLY A 57 -17.59 -6.42 17.47
C GLY A 57 -18.17 -7.67 16.89
N SER A 58 -19.38 -7.99 17.30
CA SER A 58 -19.99 -9.24 16.91
C SER A 58 -21.25 -9.02 16.07
N THR A 59 -21.31 -7.88 15.39
CA THR A 59 -22.40 -7.55 14.46
C THR A 59 -21.87 -7.65 13.04
N ASP A 60 -22.66 -8.25 12.14
CA ASP A 60 -22.29 -8.33 10.72
C ASP A 60 -22.39 -6.99 9.99
N PHE A 61 -21.38 -6.68 9.17
CA PHE A 61 -21.42 -5.51 8.31
C PHE A 61 -20.75 -5.87 6.99
N VAL A 62 -21.17 -5.19 5.94
CA VAL A 62 -20.56 -5.34 4.62
C VAL A 62 -20.49 -3.95 3.99
N VAL A 63 -19.27 -3.48 3.70
CA VAL A 63 -19.05 -2.11 3.25
C VAL A 63 -18.07 -2.11 2.10
N GLY A 64 -18.16 -1.11 1.23
CA GLY A 64 -17.16 -0.97 0.16
C GLY A 64 -17.64 -0.08 -0.97
N LEU A 65 -16.98 -0.21 -2.12
CA LEU A 65 -17.30 0.62 -3.27
C LEU A 65 -17.37 -0.26 -4.50
N GLY A 66 -18.23 0.11 -5.43
CA GLY A 66 -18.29 -0.55 -6.72
C GLY A 66 -19.30 0.07 -7.64
N TRP A 67 -20.18 -0.80 -8.14
CA TRP A 67 -21.08 -0.49 -9.26
C TRP A 67 -22.52 -0.88 -8.90
N SER A 68 -23.47 -0.01 -9.25
CA SER A 68 -24.87 -0.31 -8.91
C SER A 68 -25.41 -1.41 -9.79
N THR A 69 -24.81 -1.58 -10.97
CA THR A 69 -25.11 -2.74 -11.82
C THR A 69 -23.86 -3.60 -12.05
N GLY A 70 -23.90 -4.84 -11.60
CA GLY A 70 -22.79 -5.77 -11.80
C GLY A 70 -22.57 -6.16 -13.26
N ALA A 71 -21.39 -6.69 -13.54
CA ALA A 71 -21.02 -7.16 -14.88
C ALA A 71 -19.81 -8.07 -14.72
N ALA A 72 -19.46 -8.76 -15.80
CA ALA A 72 -18.27 -9.59 -15.82
C ALA A 72 -17.11 -8.63 -16.09
N ARG A 73 -16.82 -7.74 -15.15
CA ARG A 73 -15.77 -6.76 -15.32
C ARG A 73 -14.53 -7.22 -14.56
N ASP A 74 -13.38 -6.64 -14.91
CA ASP A 74 -12.16 -6.87 -14.15
C ASP A 74 -12.12 -5.85 -13.03
N ILE A 75 -11.99 -6.32 -11.80
CA ILE A 75 -11.95 -5.42 -10.64
C ILE A 75 -10.55 -5.43 -10.08
N THR A 76 -9.90 -4.25 -10.11
CA THR A 76 -8.55 -4.10 -9.55
C THR A 76 -8.65 -3.46 -8.18
N TYR A 77 -7.89 -4.00 -7.24
CA TYR A 77 -7.86 -3.43 -5.88
C TYR A 77 -6.46 -3.44 -5.30
N SER A 78 -6.25 -2.55 -4.34
CA SER A 78 -5.05 -2.61 -3.56
C SER A 78 -5.45 -2.34 -2.14
N ALA A 79 -5.11 -3.25 -1.24
CA ALA A 79 -5.51 -3.12 0.17
C ALA A 79 -4.46 -3.36 1.24
N THR A 80 -4.67 -2.73 2.39
CA THR A 80 -4.09 -3.22 3.63
C THR A 80 -5.28 -3.82 4.40
N TYR A 81 -5.14 -5.06 4.82
CA TYR A 81 -6.29 -5.83 5.35
C TYR A 81 -5.78 -6.64 6.51
N ASN A 82 -6.15 -6.20 7.72
CA ASN A 82 -5.69 -6.80 8.96
C ASN A 82 -6.86 -7.41 9.74
N ALA A 83 -7.05 -8.71 9.58
CA ALA A 83 -8.25 -9.40 10.11
C ALA A 83 -7.91 -10.68 10.86
N GLY A 84 -6.66 -10.77 11.35
CA GLY A 84 -6.25 -11.87 12.21
C GLY A 84 -7.19 -11.99 13.43
N GLY A 85 -7.67 -13.21 13.68
CA GLY A 85 -8.57 -13.49 14.80
C GLY A 85 -10.01 -13.10 14.54
N SER A 86 -10.31 -12.68 13.31
CA SER A 86 -11.64 -12.15 13.00
C SER A 86 -12.41 -13.01 12.00
N GLY A 87 -13.74 -13.08 12.17
CA GLY A 87 -14.57 -13.69 11.14
C GLY A 87 -14.86 -12.61 10.09
N SER A 88 -14.11 -12.65 8.99
CA SER A 88 -14.00 -11.52 8.08
C SER A 88 -13.58 -11.96 6.66
N TYR A 89 -14.06 -11.23 5.66
CA TYR A 89 -13.58 -11.39 4.27
C TYR A 89 -13.19 -10.07 3.63
N LEU A 90 -12.19 -10.15 2.76
CA LEU A 90 -11.89 -9.15 1.76
C LEU A 90 -12.31 -9.79 0.43
N ALA A 91 -13.33 -9.23 -0.21
CA ALA A 91 -14.03 -9.93 -1.29
C ALA A 91 -14.74 -9.03 -2.29
N VAL A 92 -14.77 -9.46 -3.55
CA VAL A 92 -15.79 -8.99 -4.47
C VAL A 92 -17.12 -9.59 -3.97
N TYR A 93 -18.12 -8.73 -3.87
CA TYR A 93 -19.42 -9.07 -3.27
C TYR A 93 -20.52 -8.48 -4.12
N GLY A 94 -21.56 -9.27 -4.40
CA GLY A 94 -22.71 -8.78 -5.13
C GLY A 94 -23.87 -9.76 -5.13
N TRP A 95 -24.89 -9.39 -5.87
CA TRP A 95 -26.09 -10.20 -6.01
C TRP A 95 -26.52 -10.31 -7.46
N VAL A 96 -27.28 -11.38 -7.71
CA VAL A 96 -28.04 -11.58 -8.94
C VAL A 96 -29.53 -11.67 -8.53
N ASN A 97 -30.39 -11.11 -9.35
CA ASN A 97 -31.82 -11.00 -9.01
C ASN A 97 -32.61 -12.29 -9.19
N SER A 98 -32.31 -13.02 -10.26
CA SER A 98 -33.08 -14.19 -10.68
C SER A 98 -32.22 -15.22 -11.44
N PRO A 99 -32.08 -16.45 -10.91
CA PRO A 99 -32.48 -16.89 -9.57
C PRO A 99 -31.73 -16.07 -8.54
N GLN A 100 -32.42 -15.68 -7.47
CA GLN A 100 -31.78 -14.81 -6.51
C GLN A 100 -30.52 -15.46 -5.91
N ALA A 101 -29.41 -14.73 -5.95
CA ALA A 101 -28.17 -15.25 -5.41
C ALA A 101 -27.26 -14.16 -4.86
N GLU A 102 -26.54 -14.50 -3.80
CA GLU A 102 -25.52 -13.65 -3.21
C GLU A 102 -24.17 -14.34 -3.48
N TYR A 103 -23.19 -13.57 -3.92
CA TYR A 103 -21.91 -14.18 -4.28
C TYR A 103 -20.68 -13.45 -3.70
N TYR A 104 -19.60 -14.23 -3.50
CA TYR A 104 -18.36 -13.70 -3.00
C TYR A 104 -17.18 -14.28 -3.76
N ILE A 105 -16.23 -13.41 -4.08
CA ILE A 105 -14.91 -13.88 -4.54
C ILE A 105 -13.96 -13.39 -3.44
N VAL A 106 -13.56 -14.33 -2.59
CA VAL A 106 -12.81 -14.04 -1.38
C VAL A 106 -11.29 -14.06 -1.66
N GLU A 107 -10.67 -12.89 -1.52
CA GLU A 107 -9.26 -12.69 -1.82
C GLU A 107 -8.36 -12.92 -0.61
N SER A 108 -8.89 -12.56 0.57
CA SER A 108 -8.24 -12.81 1.86
C SER A 108 -9.36 -12.93 2.88
N TYR A 109 -9.08 -13.59 4.00
CA TYR A 109 -10.10 -13.75 5.03
C TYR A 109 -9.43 -13.95 6.37
N GLY A 110 -10.23 -13.92 7.43
CA GLY A 110 -9.75 -14.10 8.80
C GLY A 110 -9.76 -15.57 9.21
N ASP A 111 -10.43 -15.86 10.32
CA ASP A 111 -10.39 -17.22 10.94
C ASP A 111 -11.29 -18.23 10.25
N TYR A 112 -12.26 -17.75 9.47
CA TYR A 112 -13.41 -18.56 9.04
C TYR A 112 -13.37 -18.76 7.52
N ASN A 113 -13.12 -20.00 7.08
CA ASN A 113 -13.23 -20.34 5.66
C ASN A 113 -14.70 -20.68 5.37
N PRO A 114 -15.34 -19.90 4.48
CA PRO A 114 -16.78 -20.06 4.26
C PRO A 114 -17.14 -21.33 3.48
N CYS A 115 -16.15 -21.99 2.89
CA CYS A 115 -16.43 -23.27 2.21
C CYS A 115 -16.29 -24.47 3.12
N SER A 116 -15.92 -24.24 4.37
CA SER A 116 -15.72 -25.34 5.29
C SER A 116 -16.97 -26.21 5.48
N ASN A 117 -18.12 -25.59 5.72
CA ASN A 117 -19.35 -26.36 5.88
C ASN A 117 -20.39 -26.15 4.76
N ALA A 118 -19.93 -25.83 3.55
CA ALA A 118 -20.80 -25.64 2.39
C ALA A 118 -20.67 -26.81 1.43
N GLU A 119 -21.52 -26.85 0.40
CA GLU A 119 -21.40 -27.85 -0.66
C GLU A 119 -20.30 -27.53 -1.69
N GLY A 120 -19.31 -28.42 -1.81
CA GLY A 120 -18.21 -28.23 -2.74
C GLY A 120 -18.62 -28.30 -4.19
N LEU A 121 -18.10 -27.38 -5.01
CA LEU A 121 -18.29 -27.40 -6.45
C LEU A 121 -16.96 -27.48 -7.19
N GLY A 122 -15.93 -28.00 -6.54
CA GLY A 122 -14.65 -28.19 -7.20
C GLY A 122 -13.79 -26.95 -7.05
N THR A 123 -12.92 -26.73 -8.02
CA THR A 123 -12.01 -25.58 -7.99
C THR A 123 -11.98 -24.90 -9.36
N LEU A 124 -11.42 -23.69 -9.40
CA LEU A 124 -11.19 -23.00 -10.66
C LEU A 124 -9.86 -22.25 -10.55
N GLU A 125 -9.30 -21.86 -11.70
CA GLU A 125 -8.05 -21.10 -11.73
C GLU A 125 -8.34 -19.68 -12.22
N SER A 126 -7.91 -18.68 -11.45
CA SER A 126 -8.13 -17.30 -11.90
C SER A 126 -7.10 -16.39 -11.26
N ASP A 127 -6.56 -15.50 -12.08
CA ASP A 127 -5.70 -14.41 -11.60
C ASP A 127 -4.54 -14.88 -10.71
N GLY A 128 -3.88 -15.97 -11.11
CA GLY A 128 -2.70 -16.42 -10.39
C GLY A 128 -2.89 -17.40 -9.26
N SER A 129 -4.14 -17.83 -8.99
CA SER A 129 -4.37 -18.78 -7.93
C SER A 129 -5.52 -19.73 -8.23
N THR A 130 -5.45 -20.92 -7.63
CA THR A 130 -6.62 -21.80 -7.53
C THR A 130 -7.62 -21.16 -6.54
N TYR A 131 -8.91 -21.30 -6.84
CA TYR A 131 -9.99 -20.97 -5.90
C TYR A 131 -10.79 -22.22 -5.54
N THR A 132 -11.04 -22.42 -4.26
CA THR A 132 -12.05 -23.38 -3.82
C THR A 132 -13.43 -22.77 -4.11
N VAL A 133 -14.28 -23.55 -4.77
CA VAL A 133 -15.63 -23.11 -5.13
C VAL A 133 -16.67 -23.91 -4.34
N CYS A 134 -17.64 -23.22 -3.75
CA CYS A 134 -18.71 -23.90 -3.01
C CYS A 134 -20.03 -23.10 -3.03
N THR A 135 -21.09 -23.72 -2.51
CA THR A 135 -22.41 -23.12 -2.59
C THR A 135 -23.23 -23.57 -1.39
N ASP A 136 -24.25 -22.79 -1.04
CA ASP A 136 -25.18 -23.20 -0.01
C ASP A 136 -26.50 -22.47 -0.25
N THR A 137 -27.55 -22.93 0.42
CA THR A 137 -28.87 -22.32 0.28
C THR A 137 -29.18 -21.57 1.56
N ARG A 138 -29.70 -20.35 1.43
CA ARG A 138 -30.18 -19.62 2.61
C ARG A 138 -31.68 -19.54 2.45
N THR A 139 -32.40 -20.14 3.40
CA THR A 139 -33.86 -20.23 3.30
C THR A 139 -34.52 -19.18 4.18
N ASN A 140 -35.33 -18.31 3.54
CA ASN A 140 -36.08 -17.27 4.27
C ASN A 140 -35.19 -16.44 5.21
N GLU A 141 -34.07 -15.96 4.66
CA GLU A 141 -33.08 -15.17 5.39
C GLU A 141 -33.07 -13.71 4.94
N PRO A 142 -32.60 -12.79 5.80
CA PRO A 142 -32.47 -11.40 5.38
C PRO A 142 -31.73 -11.32 4.05
N SER A 143 -32.28 -10.55 3.11
CA SER A 143 -31.73 -10.45 1.76
C SER A 143 -31.96 -9.05 1.22
N ILE A 144 -31.58 -8.86 -0.04
CA ILE A 144 -31.82 -7.60 -0.75
C ILE A 144 -33.29 -7.33 -1.05
N THR A 145 -34.15 -8.33 -0.93
CA THR A 145 -35.59 -8.12 -1.10
C THR A 145 -36.34 -8.21 0.25
N GLY A 146 -35.63 -8.05 1.36
CA GLY A 146 -36.23 -8.16 2.70
C GLY A 146 -35.86 -9.50 3.31
N THR A 147 -36.71 -10.50 3.09
CA THR A 147 -36.54 -11.87 3.62
C THR A 147 -36.88 -12.81 2.47
N SER A 148 -35.94 -13.66 2.07
CA SER A 148 -36.20 -14.51 0.93
C SER A 148 -35.25 -15.70 0.94
N THR A 149 -35.49 -16.62 0.00
CA THR A 149 -34.64 -17.78 -0.18
C THR A 149 -33.72 -17.55 -1.38
N PHE A 150 -32.43 -17.74 -1.15
CA PHE A 150 -31.45 -17.49 -2.19
C PHE A 150 -30.27 -18.47 -2.05
N THR A 151 -29.47 -18.52 -3.10
CA THR A 151 -28.27 -19.36 -3.17
C THR A 151 -27.04 -18.48 -2.95
N GLN A 152 -26.10 -18.94 -2.15
CA GLN A 152 -24.79 -18.29 -2.10
C GLN A 152 -23.78 -19.03 -3.01
N TYR A 153 -22.97 -18.26 -3.73
CA TYR A 153 -21.83 -18.81 -4.52
C TYR A 153 -20.59 -18.20 -3.94
N TRP A 154 -19.60 -19.05 -3.63
CA TRP A 154 -18.33 -18.60 -3.05
C TRP A 154 -17.19 -19.11 -3.91
N SER A 155 -16.24 -18.21 -4.23
CA SER A 155 -14.92 -18.64 -4.67
C SER A 155 -13.90 -18.18 -3.63
N VAL A 156 -13.15 -19.11 -3.04
CA VAL A 156 -12.22 -18.70 -1.99
C VAL A 156 -10.77 -18.89 -2.46
N ARG A 157 -10.01 -17.80 -2.51
CA ARG A 157 -8.64 -17.86 -3.04
C ARG A 157 -7.74 -18.72 -2.13
N GLN A 158 -7.06 -19.70 -2.73
CA GLN A 158 -6.21 -20.62 -1.95
C GLN A 158 -4.91 -19.97 -1.50
N SER A 159 -4.38 -19.10 -2.34
CA SER A 159 -3.23 -18.28 -1.99
C SER A 159 -3.72 -16.84 -1.75
N GLU A 160 -3.91 -16.52 -0.47
CA GLU A 160 -4.51 -15.23 -0.11
C GLU A 160 -3.63 -14.04 -0.50
N ARG A 161 -4.27 -12.93 -0.84
CA ARG A 161 -3.53 -11.74 -1.25
C ARG A 161 -4.32 -10.48 -0.93
N THR A 162 -3.64 -9.32 -0.99
CA THR A 162 -4.26 -8.03 -0.66
C THR A 162 -4.20 -7.04 -1.81
N SER A 163 -3.68 -7.47 -2.95
CA SER A 163 -3.76 -6.64 -4.16
C SER A 163 -3.72 -7.49 -5.42
N GLY A 164 -4.36 -6.98 -6.45
CA GLY A 164 -4.40 -7.62 -7.77
C GLY A 164 -5.67 -7.31 -8.50
N THR A 165 -5.96 -8.12 -9.52
CA THR A 165 -7.13 -7.95 -10.34
C THR A 165 -7.95 -9.21 -10.25
N VAL A 166 -9.27 -9.05 -10.11
CA VAL A 166 -10.20 -10.19 -10.11
C VAL A 166 -10.90 -10.21 -11.45
N THR A 167 -10.67 -11.28 -12.23
CA THR A 167 -11.37 -11.41 -13.50
C THR A 167 -12.73 -12.07 -13.19
N VAL A 168 -13.71 -11.23 -12.94
CA VAL A 168 -15.01 -11.68 -12.44
C VAL A 168 -15.67 -12.71 -13.39
N GLY A 169 -15.63 -12.43 -14.69
CA GLY A 169 -16.08 -13.39 -15.72
C GLY A 169 -15.65 -14.84 -15.53
N ASN A 170 -14.42 -15.07 -15.08
CA ASN A 170 -13.95 -16.45 -14.81
C ASN A 170 -14.82 -17.15 -13.77
N HIS A 171 -15.18 -16.39 -12.73
CA HIS A 171 -16.00 -16.87 -11.64
C HIS A 171 -17.44 -17.06 -12.08
N PHE A 172 -18.00 -16.03 -12.72
CA PHE A 172 -19.35 -16.08 -13.27
C PHE A 172 -19.49 -17.29 -14.20
N ASN A 173 -18.54 -17.45 -15.12
CA ASN A 173 -18.57 -18.57 -16.09
C ASN A 173 -18.67 -19.94 -15.40
N TYR A 174 -17.86 -20.14 -14.36
CA TYR A 174 -17.83 -21.38 -13.60
C TYR A 174 -19.11 -21.58 -12.77
N TRP A 175 -19.53 -20.55 -12.03
CA TRP A 175 -20.74 -20.67 -11.23
C TRP A 175 -21.97 -20.92 -12.12
N ALA A 176 -21.97 -20.37 -13.34
CA ALA A 176 -23.10 -20.50 -14.27
C ALA A 176 -23.33 -21.94 -14.74
N GLN A 177 -22.29 -22.77 -14.61
CA GLN A 177 -22.42 -24.20 -14.88
C GLN A 177 -23.08 -24.91 -13.71
N HIS A 178 -23.30 -24.18 -12.61
CA HIS A 178 -23.94 -24.71 -11.43
C HIS A 178 -25.12 -23.83 -10.99
N GLY A 179 -25.79 -23.22 -11.95
CA GLY A 179 -27.08 -22.57 -11.74
C GLY A 179 -27.12 -21.05 -11.56
N PHE A 180 -25.94 -20.43 -11.54
CA PHE A 180 -25.82 -18.99 -11.34
C PHE A 180 -26.34 -18.21 -12.55
N GLY A 181 -27.22 -17.26 -12.30
CA GLY A 181 -27.85 -16.43 -13.34
C GLY A 181 -27.05 -15.20 -13.77
N ASP A 182 -27.66 -14.32 -14.57
CA ASP A 182 -26.93 -13.17 -15.08
C ASP A 182 -27.68 -11.82 -14.97
N SER A 183 -28.76 -11.80 -14.21
CA SER A 183 -29.47 -10.55 -13.93
C SER A 183 -28.79 -9.83 -12.74
N TYR A 184 -27.68 -9.17 -13.01
CA TYR A 184 -26.87 -8.58 -11.95
C TYR A 184 -27.53 -7.40 -11.23
N ASN A 185 -27.46 -7.46 -9.90
CA ASN A 185 -27.78 -6.31 -9.04
C ASN A 185 -26.41 -5.65 -8.73
N PHE A 186 -26.23 -5.04 -7.55
CA PHE A 186 -24.98 -4.31 -7.27
C PHE A 186 -23.76 -5.25 -7.12
N GLN A 187 -22.57 -4.68 -7.17
CA GLN A 187 -21.34 -5.46 -7.17
C GLN A 187 -20.25 -4.55 -6.65
N VAL A 188 -19.56 -4.96 -5.59
CA VAL A 188 -18.58 -4.12 -4.96
C VAL A 188 -17.31 -4.86 -4.56
N MET A 189 -16.23 -4.12 -4.36
CA MET A 189 -15.08 -4.67 -3.67
C MET A 189 -15.30 -4.36 -2.19
N ALA A 190 -15.47 -5.40 -1.38
CA ALA A 190 -16.00 -5.25 -0.02
C ALA A 190 -15.11 -5.78 1.07
N VAL A 191 -15.31 -5.23 2.27
CA VAL A 191 -14.87 -5.83 3.50
C VAL A 191 -16.12 -6.18 4.34
N GLU A 192 -16.20 -7.44 4.78
CA GLU A 192 -17.24 -7.88 5.72
C GLU A 192 -16.56 -8.41 6.97
N ALA A 193 -17.13 -8.12 8.14
CA ALA A 193 -16.80 -8.94 9.29
C ALA A 193 -18.03 -9.15 10.16
N PHE A 194 -17.96 -10.19 10.99
CA PHE A 194 -19.09 -10.54 11.89
C PHE A 194 -18.64 -10.97 13.30
N SER A 195 -17.33 -10.98 13.53
CA SER A 195 -16.76 -11.28 14.84
C SER A 195 -15.32 -10.80 14.89
N GLY A 196 -14.85 -10.51 16.10
CA GLY A 196 -13.45 -10.12 16.30
C GLY A 196 -13.20 -8.71 15.81
N SER A 197 -11.94 -8.42 15.50
CA SER A 197 -11.51 -7.05 15.23
C SER A 197 -10.58 -6.99 14.00
N GLY A 198 -10.53 -5.84 13.36
CA GLY A 198 -9.62 -5.67 12.25
C GLY A 198 -9.59 -4.24 11.78
N SER A 199 -8.81 -3.98 10.74
CA SER A 199 -8.77 -2.70 10.06
C SER A 199 -8.52 -2.97 8.58
N ALA A 200 -8.96 -2.05 7.73
CA ALA A 200 -8.70 -2.15 6.29
C ALA A 200 -8.64 -0.78 5.63
N SER A 201 -7.83 -0.71 4.58
CA SER A 201 -7.79 0.46 3.73
C SER A 201 -7.72 -0.09 2.32
N VAL A 202 -8.69 0.30 1.49
CA VAL A 202 -8.89 -0.31 0.18
C VAL A 202 -9.00 0.76 -0.91
N SER A 203 -8.30 0.49 -2.01
CA SER A 203 -8.40 1.27 -3.23
C SER A 203 -8.96 0.36 -4.32
N VAL A 204 -9.93 0.86 -5.08
CA VAL A 204 -10.67 0.06 -6.04
C VAL A 204 -10.71 0.78 -7.39
N SER A 205 -10.68 0.02 -8.48
CA SER A 205 -10.98 0.52 -9.81
C SER A 205 -11.53 -0.58 -10.74
N ASN B 25 1.88 -22.15 -37.28
CA ASN B 25 3.00 -22.31 -36.29
C ASN B 25 2.41 -22.46 -34.88
N PRO B 26 3.13 -23.13 -33.96
CA PRO B 26 2.61 -23.37 -32.60
C PRO B 26 2.17 -22.06 -31.97
N GLY B 27 0.95 -22.01 -31.42
CA GLY B 27 0.46 -20.81 -30.75
C GLY B 27 0.20 -19.61 -31.67
N GLY B 28 0.28 -19.83 -32.98
CA GLY B 28 0.20 -18.74 -33.95
C GLY B 28 1.46 -17.88 -34.00
N ILE B 29 2.60 -18.44 -33.59
CA ILE B 29 3.89 -17.71 -33.68
C ILE B 29 4.10 -17.17 -35.08
N ASP B 30 4.51 -15.91 -35.19
CA ASP B 30 4.73 -15.30 -36.48
C ASP B 30 5.91 -14.31 -36.50
N TYR B 31 6.74 -14.39 -35.48
CA TYR B 31 7.77 -13.36 -35.29
C TYR B 31 9.06 -13.95 -34.76
N VAL B 32 10.16 -13.52 -35.39
CA VAL B 32 11.51 -13.89 -34.96
C VAL B 32 12.22 -12.67 -34.37
N GLN B 33 12.53 -12.75 -33.08
CA GLN B 33 13.24 -11.67 -32.38
C GLN B 33 14.75 -11.89 -32.57
N ASN B 34 15.43 -10.90 -33.14
CA ASN B 34 16.85 -11.01 -33.43
C ASN B 34 17.58 -9.70 -33.23
N TYR B 35 17.93 -9.39 -32.00
CA TYR B 35 18.78 -8.23 -31.74
C TYR B 35 20.17 -8.74 -31.43
N ASN B 36 21.10 -8.54 -32.36
CA ASN B 36 22.48 -9.04 -32.24
C ASN B 36 22.61 -10.57 -32.09
N GLY B 37 21.69 -11.33 -32.68
CA GLY B 37 21.74 -12.79 -32.58
C GLY B 37 23.01 -13.40 -33.15
N ASP B 38 23.68 -12.65 -34.00
CA ASP B 38 24.99 -13.03 -34.58
C ASP B 38 26.09 -13.27 -33.55
N VAL B 39 25.97 -12.72 -32.35
CA VAL B 39 26.96 -13.04 -31.30
C VAL B 39 26.53 -14.22 -30.44
N ALA B 40 25.32 -14.72 -30.70
CA ALA B 40 24.72 -15.73 -29.85
C ALA B 40 24.43 -17.05 -30.57
N ASP B 41 25.05 -17.27 -31.73
CA ASP B 41 24.80 -18.51 -32.52
C ASP B 41 23.28 -18.82 -32.58
N PHE B 42 22.49 -17.78 -32.82
CA PHE B 42 21.04 -17.91 -32.73
C PHE B 42 20.48 -18.62 -33.98
N GLN B 43 19.79 -19.73 -33.74
CA GLN B 43 19.22 -20.57 -34.80
C GLN B 43 17.77 -20.84 -34.44
N TYR B 44 16.88 -20.87 -35.43
CA TYR B 44 15.44 -20.95 -35.10
C TYR B 44 14.66 -21.78 -36.12
N ASN B 45 13.46 -22.22 -35.70
CA ASN B 45 12.54 -22.91 -36.59
C ASN B 45 11.15 -22.44 -36.19
N GLU B 46 10.60 -21.52 -36.99
CA GLU B 46 9.27 -20.96 -36.72
C GLU B 46 8.17 -22.01 -36.71
N GLY B 47 8.21 -22.93 -37.68
CA GLY B 47 7.22 -24.00 -37.78
C GLY B 47 7.19 -24.95 -36.59
N ALA B 48 8.35 -25.25 -36.02
CA ALA B 48 8.43 -26.10 -34.84
C ALA B 48 8.28 -25.32 -33.52
N GLY B 49 8.38 -23.99 -33.61
CA GLY B 49 8.42 -23.07 -32.44
C GLY B 49 9.69 -23.31 -31.60
N THR B 50 10.81 -23.60 -32.26
CA THR B 50 12.04 -23.84 -31.52
C THR B 50 13.17 -22.88 -31.87
N TYR B 51 14.10 -22.74 -30.93
CA TYR B 51 15.34 -22.02 -31.20
C TYR B 51 16.45 -22.43 -30.24
N THR B 52 17.68 -22.17 -30.68
CA THR B 52 18.87 -22.38 -29.85
C THR B 52 19.76 -21.15 -29.88
N CYS B 53 20.59 -21.05 -28.85
CA CYS B 53 21.62 -20.03 -28.89
C CYS B 53 22.73 -20.45 -27.92
N GLY B 54 23.92 -19.89 -28.13
CA GLY B 54 25.11 -20.19 -27.36
C GLY B 54 25.95 -18.92 -27.38
N TRP B 55 26.34 -18.43 -26.22
CA TRP B 55 27.04 -17.15 -26.17
C TRP B 55 28.26 -17.20 -25.28
N ASP B 56 29.12 -16.22 -25.48
CA ASP B 56 30.33 -16.04 -24.71
C ASP B 56 30.87 -14.69 -25.18
N GLY B 57 30.52 -13.64 -24.46
CA GLY B 57 30.87 -12.31 -24.92
C GLY B 57 30.25 -11.22 -24.08
N SER B 58 30.54 -9.98 -24.44
CA SER B 58 30.25 -8.84 -23.60
C SER B 58 29.34 -7.87 -24.37
N THR B 59 28.69 -8.37 -25.41
CA THR B 59 27.71 -7.54 -26.12
C THR B 59 26.30 -8.05 -25.85
N ASP B 60 25.38 -7.11 -25.64
CA ASP B 60 23.99 -7.48 -25.38
C ASP B 60 23.31 -8.08 -26.64
N PHE B 61 22.57 -9.16 -26.49
CA PHE B 61 21.69 -9.65 -27.55
C PHE B 61 20.36 -10.02 -26.92
N VAL B 62 19.30 -10.03 -27.75
CA VAL B 62 18.00 -10.54 -27.32
C VAL B 62 17.42 -11.25 -28.51
N VAL B 63 17.16 -12.55 -28.34
CA VAL B 63 16.67 -13.43 -29.42
C VAL B 63 15.52 -14.31 -28.94
N GLY B 64 14.69 -14.77 -29.87
CA GLY B 64 13.64 -15.73 -29.53
C GLY B 64 12.52 -15.71 -30.56
N LEU B 65 11.36 -16.23 -30.17
CA LEU B 65 10.22 -16.41 -31.08
C LEU B 65 8.97 -15.97 -30.37
N GLY B 66 8.02 -15.48 -31.14
CA GLY B 66 6.78 -15.04 -30.55
C GLY B 66 5.85 -14.46 -31.60
N TRP B 67 5.32 -13.28 -31.28
CA TRP B 67 4.18 -12.69 -32.01
C TRP B 67 4.48 -11.23 -32.29
N SER B 68 4.20 -10.80 -33.51
CA SER B 68 4.50 -9.43 -33.92
C SER B 68 3.57 -8.44 -33.23
N THR B 69 2.41 -8.92 -32.77
CA THR B 69 1.54 -8.14 -31.87
C THR B 69 1.29 -8.88 -30.57
N GLY B 70 1.73 -8.27 -29.48
CA GLY B 70 1.51 -8.79 -28.15
C GLY B 70 0.04 -8.83 -27.72
N ALA B 71 -0.24 -9.67 -26.74
CA ALA B 71 -1.58 -9.80 -26.17
C ALA B 71 -1.46 -10.37 -24.76
N ALA B 72 -2.58 -10.34 -24.04
CA ALA B 72 -2.66 -11.05 -22.77
C ALA B 72 -2.93 -12.51 -23.13
N ARG B 73 -1.88 -13.20 -23.56
CA ARG B 73 -1.97 -14.59 -24.00
C ARG B 73 -1.19 -15.48 -23.05
N ASP B 74 -1.47 -16.77 -23.06
CA ASP B 74 -0.62 -17.69 -22.33
C ASP B 74 0.58 -17.97 -23.22
N ILE B 75 1.77 -17.98 -22.62
CA ILE B 75 2.96 -18.35 -23.38
C ILE B 75 3.52 -19.58 -22.72
N THR B 76 3.56 -20.68 -23.47
CA THR B 76 4.05 -21.94 -22.93
C THR B 76 5.45 -22.19 -23.51
N TYR B 77 6.37 -22.61 -22.66
CA TYR B 77 7.75 -22.84 -23.10
C TYR B 77 8.32 -24.06 -22.39
N SER B 78 9.34 -24.63 -23.03
CA SER B 78 10.18 -25.64 -22.41
C SER B 78 11.61 -25.31 -22.83
N ALA B 79 12.52 -25.21 -21.87
CA ALA B 79 13.91 -24.82 -22.17
C ALA B 79 14.96 -25.65 -21.44
N THR B 80 16.11 -25.79 -22.06
CA THR B 80 17.34 -26.07 -21.38
C THR B 80 18.08 -24.73 -21.38
N TYR B 81 18.42 -24.25 -20.20
CA TYR B 81 18.90 -22.86 -20.08
C TYR B 81 20.05 -22.85 -19.08
N ASN B 82 21.23 -22.60 -19.59
CA ASN B 82 22.47 -22.71 -18.81
C ASN B 82 23.19 -21.39 -18.85
N ALA B 83 23.06 -20.61 -17.79
CA ALA B 83 23.59 -19.25 -17.79
C ALA B 83 24.34 -18.93 -16.50
N GLY B 84 24.82 -19.96 -15.79
CA GLY B 84 25.59 -19.73 -14.56
C GLY B 84 26.80 -18.88 -14.89
N GLY B 85 27.03 -17.83 -14.10
CA GLY B 85 28.15 -16.92 -14.35
C GLY B 85 27.89 -15.89 -15.43
N SER B 86 26.67 -15.83 -15.95
CA SER B 86 26.34 -14.92 -17.08
C SER B 86 25.28 -13.87 -16.68
N GLY B 87 25.43 -12.66 -17.20
CA GLY B 87 24.39 -11.61 -17.10
C GLY B 87 23.36 -11.97 -18.18
N SER B 88 22.27 -12.61 -17.78
CA SER B 88 21.36 -13.24 -18.74
C SER B 88 19.95 -13.46 -18.16
N TYR B 89 18.93 -13.45 -19.02
CA TYR B 89 17.54 -13.81 -18.67
C TYR B 89 16.96 -14.81 -19.66
N LEU B 90 16.07 -15.64 -19.14
CA LEU B 90 15.15 -16.44 -19.94
C LEU B 90 13.81 -15.81 -19.58
N ALA B 91 13.14 -15.18 -20.56
CA ALA B 91 12.05 -14.28 -20.24
C ALA B 91 11.05 -14.06 -21.35
N VAL B 92 9.79 -13.84 -20.96
CA VAL B 92 8.86 -13.20 -21.89
C VAL B 92 9.35 -11.75 -22.00
N TYR B 93 9.39 -11.24 -23.22
CA TYR B 93 9.99 -9.93 -23.51
C TYR B 93 9.16 -9.20 -24.57
N GLY B 94 8.89 -7.93 -24.37
CA GLY B 94 8.18 -7.19 -25.41
C GLY B 94 8.04 -5.73 -25.07
N TRP B 95 7.30 -5.04 -25.92
CA TRP B 95 7.09 -3.60 -25.79
C TRP B 95 5.62 -3.17 -25.88
N VAL B 96 5.36 -1.98 -25.30
CA VAL B 96 4.08 -1.25 -25.47
C VAL B 96 4.42 0.08 -26.13
N ASN B 97 3.59 0.50 -27.08
CA ASN B 97 3.87 1.69 -27.89
C ASN B 97 3.69 3.00 -27.13
N SER B 98 2.66 3.06 -26.29
CA SER B 98 2.22 4.31 -25.68
C SER B 98 1.40 4.03 -24.40
N PRO B 99 1.87 4.51 -23.23
CA PRO B 99 3.17 5.16 -23.01
C PRO B 99 4.28 4.13 -23.34
N GLN B 100 5.38 4.58 -23.93
CA GLN B 100 6.39 3.63 -24.42
C GLN B 100 6.97 2.84 -23.25
N ALA B 101 6.97 1.49 -23.36
CA ALA B 101 7.49 0.65 -22.28
C ALA B 101 8.09 -0.64 -22.81
N GLU B 102 9.10 -1.12 -22.10
CA GLU B 102 9.80 -2.37 -22.43
C GLU B 102 9.56 -3.27 -21.20
N TYR B 103 9.15 -4.52 -21.41
CA TYR B 103 8.80 -5.35 -20.28
C TYR B 103 9.41 -6.75 -20.33
N TYR B 104 9.60 -7.33 -19.16
CA TYR B 104 10.18 -8.67 -19.02
C TYR B 104 9.38 -9.46 -17.99
N ILE B 105 9.12 -10.73 -18.27
CA ILE B 105 8.67 -11.64 -17.25
C ILE B 105 9.77 -12.72 -17.16
N VAL B 106 10.62 -12.56 -16.16
CA VAL B 106 11.85 -13.36 -16.07
C VAL B 106 11.60 -14.69 -15.34
N GLU B 107 11.81 -15.79 -16.04
CA GLU B 107 11.49 -17.13 -15.54
C GLU B 107 12.69 -17.80 -14.89
N SER B 108 13.89 -17.50 -15.42
CA SER B 108 15.18 -17.97 -14.89
C SER B 108 16.18 -16.91 -15.27
N TYR B 109 17.29 -16.83 -14.54
CA TYR B 109 18.30 -15.82 -14.89
C TYR B 109 19.68 -16.24 -14.36
N GLY B 110 20.72 -15.56 -14.84
CA GLY B 110 22.07 -15.87 -14.41
C GLY B 110 22.41 -15.09 -13.14
N ASP B 111 23.52 -14.36 -13.19
CA ASP B 111 24.12 -13.73 -11.99
C ASP B 111 23.50 -12.39 -11.61
N TYR B 112 22.69 -11.81 -12.50
CA TYR B 112 22.24 -10.42 -12.34
C TYR B 112 20.72 -10.37 -12.14
N ASN B 113 20.30 -9.92 -10.95
CA ASN B 113 18.86 -9.74 -10.67
C ASN B 113 18.47 -8.33 -11.06
N PRO B 114 17.62 -8.21 -12.08
CA PRO B 114 17.33 -6.91 -12.62
C PRO B 114 16.56 -6.01 -11.64
N CYS B 115 15.94 -6.56 -10.61
CA CYS B 115 15.29 -5.72 -9.59
C CYS B 115 16.20 -5.21 -8.47
N SER B 116 17.41 -5.73 -8.33
CA SER B 116 18.27 -5.28 -7.24
C SER B 116 18.55 -3.77 -7.37
N ASN B 117 18.62 -3.32 -8.62
CA ASN B 117 18.97 -1.96 -9.00
C ASN B 117 17.78 -0.97 -9.06
N ALA B 118 16.55 -1.49 -9.09
CA ALA B 118 15.40 -0.70 -9.55
C ALA B 118 14.37 -0.35 -8.47
N GLU B 119 13.35 0.42 -8.84
CA GLU B 119 12.24 0.76 -7.92
C GLU B 119 11.29 -0.41 -7.72
N GLY B 120 11.20 -0.89 -6.48
CA GLY B 120 10.28 -1.99 -6.14
C GLY B 120 8.81 -1.59 -6.30
N LEU B 121 7.97 -2.52 -6.79
CA LEU B 121 6.52 -2.33 -6.86
C LEU B 121 5.77 -3.47 -6.17
N GLY B 122 6.47 -4.18 -5.30
CA GLY B 122 5.83 -5.25 -4.57
C GLY B 122 5.95 -6.54 -5.34
N THR B 123 4.99 -7.43 -5.12
CA THR B 123 5.03 -8.77 -5.67
C THR B 123 3.65 -9.17 -6.22
N LEU B 124 3.63 -10.22 -7.03
CA LEU B 124 2.37 -10.84 -7.49
C LEU B 124 2.59 -12.36 -7.51
N GLU B 125 1.50 -13.14 -7.55
CA GLU B 125 1.60 -14.59 -7.75
C GLU B 125 1.04 -14.95 -9.10
N SER B 126 1.77 -15.79 -9.84
CA SER B 126 1.26 -16.26 -11.13
C SER B 126 1.94 -17.59 -11.48
N ASP B 127 1.16 -18.54 -12.00
CA ASP B 127 1.74 -19.79 -12.53
C ASP B 127 2.66 -20.52 -11.54
N GLY B 128 2.25 -20.58 -10.27
CA GLY B 128 2.95 -21.36 -9.27
C GLY B 128 4.05 -20.71 -8.45
N SER B 129 4.33 -19.43 -8.69
CA SER B 129 5.35 -18.70 -7.91
C SER B 129 4.99 -17.23 -7.67
N THR B 130 5.56 -16.67 -6.60
CA THR B 130 5.61 -15.23 -6.41
C THR B 130 6.66 -14.69 -7.38
N TYR B 131 6.40 -13.50 -7.90
CA TYR B 131 7.34 -12.72 -8.69
C TYR B 131 7.61 -11.42 -7.98
N THR B 132 8.89 -11.00 -7.97
CA THR B 132 9.28 -9.65 -7.58
C THR B 132 9.04 -8.70 -8.74
N VAL B 133 8.34 -7.61 -8.46
CA VAL B 133 7.98 -6.66 -9.51
C VAL B 133 8.72 -5.36 -9.27
N CYS B 134 9.32 -4.82 -10.34
CA CYS B 134 10.02 -3.55 -10.24
C CYS B 134 9.98 -2.77 -11.54
N THR B 135 10.48 -1.53 -11.50
CA THR B 135 10.35 -0.65 -12.60
C THR B 135 11.51 0.34 -12.60
N ASP B 136 11.82 0.87 -13.77
CA ASP B 136 12.83 1.92 -13.87
C ASP B 136 12.60 2.68 -15.16
N THR B 137 13.28 3.82 -15.30
CA THR B 137 13.14 4.60 -16.52
C THR B 137 14.45 4.72 -17.28
N ARG B 138 14.36 4.55 -18.58
CA ARG B 138 15.49 4.69 -19.47
C ARG B 138 15.31 5.99 -20.24
N THR B 139 16.24 6.93 -20.06
CA THR B 139 16.14 8.23 -20.71
C THR B 139 17.00 8.35 -21.95
N ASN B 140 16.37 8.64 -23.09
CA ASN B 140 17.05 8.77 -24.37
C ASN B 140 17.99 7.58 -24.65
N GLU B 141 17.45 6.38 -24.49
CA GLU B 141 18.20 5.16 -24.72
C GLU B 141 17.75 4.47 -26.04
N PRO B 142 18.61 3.61 -26.64
CA PRO B 142 18.18 2.86 -27.83
C PRO B 142 16.86 2.15 -27.59
N SER B 143 15.92 2.30 -28.52
CA SER B 143 14.55 1.80 -28.33
C SER B 143 13.94 1.36 -29.66
N ILE B 144 12.66 1.01 -29.63
CA ILE B 144 11.89 0.65 -30.83
C ILE B 144 11.54 1.88 -31.73
N THR B 145 11.83 3.08 -31.24
CA THR B 145 11.65 4.30 -32.05
C THR B 145 13.02 4.99 -32.34
N GLY B 146 14.09 4.21 -32.17
CA GLY B 146 15.46 4.68 -32.43
C GLY B 146 16.10 4.98 -31.08
N THR B 147 15.88 6.21 -30.62
CA THR B 147 16.36 6.67 -29.33
C THR B 147 15.20 7.39 -28.66
N SER B 148 14.88 7.02 -27.43
CA SER B 148 13.72 7.60 -26.75
C SER B 148 13.74 7.32 -25.26
N THR B 149 12.81 7.93 -24.53
CA THR B 149 12.68 7.58 -23.14
C THR B 149 11.44 6.75 -22.86
N PHE B 150 11.62 5.74 -22.04
CA PHE B 150 10.60 4.72 -21.85
C PHE B 150 10.74 4.12 -20.48
N THR B 151 9.69 3.43 -20.05
CA THR B 151 9.68 2.77 -18.77
C THR B 151 9.97 1.28 -18.97
N GLN B 152 10.76 0.68 -18.08
CA GLN B 152 10.84 -0.79 -18.01
C GLN B 152 9.97 -1.33 -16.90
N TYR B 153 9.27 -2.44 -17.17
CA TYR B 153 8.61 -3.22 -16.11
C TYR B 153 9.22 -4.60 -16.07
N TRP B 154 9.54 -5.08 -14.87
CA TRP B 154 10.08 -6.41 -14.66
C TRP B 154 9.22 -7.20 -13.68
N SER B 155 8.88 -8.45 -14.03
CA SER B 155 8.51 -9.42 -13.01
C SER B 155 9.59 -10.50 -13.00
N VAL B 156 10.06 -10.83 -11.81
CA VAL B 156 11.18 -11.76 -11.68
C VAL B 156 10.73 -12.94 -10.84
N ARG B 157 10.70 -14.12 -11.46
CA ARG B 157 10.22 -15.29 -10.75
C ARG B 157 11.10 -15.66 -9.56
N GLN B 158 10.47 -15.83 -8.40
CA GLN B 158 11.26 -16.16 -7.18
C GLN B 158 11.66 -17.65 -7.11
N SER B 159 10.79 -18.53 -7.60
CA SER B 159 11.16 -19.95 -7.78
C SER B 159 11.49 -20.14 -9.25
N GLU B 160 12.76 -19.99 -9.60
CA GLU B 160 13.13 -20.05 -11.02
C GLU B 160 12.80 -21.40 -11.61
N ARG B 161 12.50 -21.41 -12.91
CA ARG B 161 12.16 -22.64 -13.60
C ARG B 161 12.48 -22.53 -15.08
N THR B 162 12.49 -23.67 -15.77
CA THR B 162 12.86 -23.67 -17.20
C THR B 162 11.79 -24.26 -18.08
N SER B 163 10.62 -24.55 -17.50
CA SER B 163 9.45 -24.89 -18.35
C SER B 163 8.14 -24.55 -17.60
N GLY B 164 7.10 -24.27 -18.39
CA GLY B 164 5.77 -23.99 -17.85
C GLY B 164 5.02 -23.00 -18.73
N THR B 165 3.98 -22.41 -18.15
CA THR B 165 3.15 -21.45 -18.86
C THR B 165 3.17 -20.12 -18.12
N VAL B 166 3.39 -19.04 -18.86
CA VAL B 166 3.29 -17.68 -18.30
C VAL B 166 1.92 -17.12 -18.69
N THR B 167 1.12 -16.85 -17.67
CA THR B 167 -0.18 -16.21 -17.89
C THR B 167 0.07 -14.70 -17.96
N VAL B 168 0.37 -14.21 -19.17
CA VAL B 168 0.91 -12.85 -19.34
C VAL B 168 -0.05 -11.78 -18.75
N GLY B 169 -1.36 -12.00 -18.92
CA GLY B 169 -2.36 -11.10 -18.38
C GLY B 169 -2.23 -10.78 -16.91
N ASN B 170 -1.78 -11.75 -16.11
CA ASN B 170 -1.63 -11.49 -14.67
C ASN B 170 -0.60 -10.40 -14.41
N HIS B 171 0.45 -10.41 -15.22
CA HIS B 171 1.51 -9.42 -15.11
C HIS B 171 1.07 -8.10 -15.64
N PHE B 172 0.49 -8.11 -16.84
CA PHE B 172 -0.14 -6.91 -17.40
C PHE B 172 -1.09 -6.23 -16.38
N ASN B 173 -1.98 -7.00 -15.76
CA ASN B 173 -2.96 -6.42 -14.79
C ASN B 173 -2.25 -5.72 -13.65
N TYR B 174 -1.18 -6.33 -13.16
CA TYR B 174 -0.44 -5.76 -12.03
C TYR B 174 0.32 -4.50 -12.42
N TRP B 175 1.10 -4.57 -13.51
CA TRP B 175 1.84 -3.40 -14.00
C TRP B 175 0.91 -2.23 -14.36
N ALA B 176 -0.30 -2.54 -14.83
CA ALA B 176 -1.31 -1.50 -15.15
C ALA B 176 -1.68 -0.59 -13.95
N GLN B 177 -1.47 -1.08 -12.72
CA GLN B 177 -1.63 -0.28 -11.49
C GLN B 177 -0.54 0.81 -11.39
N HIS B 178 0.44 0.72 -12.29
CA HIS B 178 1.63 1.55 -12.23
C HIS B 178 1.99 2.09 -13.60
N GLY B 179 0.96 2.45 -14.36
CA GLY B 179 1.14 3.15 -15.63
C GLY B 179 1.27 2.33 -16.91
N PHE B 180 1.32 1.00 -16.79
CA PHE B 180 1.53 0.15 -17.96
C PHE B 180 0.32 0.22 -18.89
N GLY B 181 0.56 0.57 -20.15
CA GLY B 181 -0.46 0.69 -21.18
C GLY B 181 -0.82 -0.62 -21.87
N ASP B 182 -1.47 -0.53 -23.03
CA ASP B 182 -2.02 -1.72 -23.66
C ASP B 182 -1.98 -1.68 -25.20
N SER B 183 -1.22 -0.75 -25.75
CA SER B 183 -0.96 -0.71 -27.17
C SER B 183 0.28 -1.57 -27.50
N TYR B 184 0.07 -2.88 -27.59
CA TYR B 184 1.19 -3.82 -27.70
C TYR B 184 1.95 -3.75 -29.00
N ASN B 185 3.28 -3.75 -28.86
CA ASN B 185 4.18 -3.96 -29.99
C ASN B 185 4.51 -5.48 -29.96
N PHE B 186 5.68 -5.91 -30.44
CA PHE B 186 5.99 -7.33 -30.43
C PHE B 186 6.13 -7.99 -29.03
N GLN B 187 6.12 -9.33 -29.01
CA GLN B 187 6.09 -10.05 -27.76
C GLN B 187 6.68 -11.43 -28.00
N VAL B 188 7.72 -11.80 -27.26
CA VAL B 188 8.39 -13.08 -27.58
C VAL B 188 8.79 -13.82 -26.31
N MET B 189 9.11 -15.11 -26.48
CA MET B 189 9.76 -15.86 -25.44
C MET B 189 11.25 -15.84 -25.79
N ALA B 190 12.03 -15.16 -24.95
CA ALA B 190 13.35 -14.72 -25.33
C ALA B 190 14.47 -15.23 -24.40
N VAL B 191 15.69 -15.21 -24.93
CA VAL B 191 16.91 -15.29 -24.15
C VAL B 191 17.71 -14.03 -24.42
N GLU B 192 18.19 -13.40 -23.34
CA GLU B 192 19.05 -12.23 -23.50
C GLU B 192 20.32 -12.54 -22.72
N ALA B 193 21.45 -12.05 -23.19
CA ALA B 193 22.62 -11.98 -22.28
C ALA B 193 23.47 -10.80 -22.69
N PHE B 194 24.31 -10.35 -21.76
CA PHE B 194 25.13 -9.17 -22.01
C PHE B 194 26.51 -9.31 -21.39
N SER B 195 26.73 -10.41 -20.67
CA SER B 195 28.08 -10.78 -20.22
C SER B 195 28.17 -12.27 -19.94
N GLY B 196 29.39 -12.81 -20.00
CA GLY B 196 29.59 -14.21 -19.63
C GLY B 196 29.16 -15.14 -20.76
N SER B 197 28.95 -16.40 -20.39
CA SER B 197 28.72 -17.45 -21.38
C SER B 197 27.51 -18.30 -21.03
N GLY B 198 26.91 -18.92 -22.02
CA GLY B 198 25.78 -19.79 -21.71
C GLY B 198 25.31 -20.52 -22.93
N SER B 199 24.30 -21.39 -22.73
CA SER B 199 23.65 -22.06 -23.88
C SER B 199 22.15 -22.15 -23.56
N ALA B 200 21.34 -22.27 -24.61
CA ALA B 200 19.91 -22.45 -24.43
C ALA B 200 19.32 -23.15 -25.64
N SER B 201 18.32 -23.98 -25.37
CA SER B 201 17.48 -24.57 -26.39
C SER B 201 16.04 -24.44 -25.87
N VAL B 202 15.18 -23.81 -26.66
CA VAL B 202 13.88 -23.37 -26.19
C VAL B 202 12.79 -23.79 -27.17
N SER B 203 11.66 -24.25 -26.64
CA SER B 203 10.47 -24.56 -27.43
C SER B 203 9.35 -23.63 -26.92
N VAL B 204 8.59 -23.03 -27.86
CA VAL B 204 7.56 -22.03 -27.55
C VAL B 204 6.23 -22.38 -28.23
N SER B 205 5.13 -22.11 -27.53
CA SER B 205 3.78 -22.19 -28.13
C SER B 205 2.81 -21.26 -27.40
N ASN C 25 13.59 18.34 8.53
CA ASN C 25 12.33 17.57 8.21
C ASN C 25 12.02 17.72 6.71
N PRO C 26 11.17 16.84 6.13
CA PRO C 26 10.79 17.00 4.72
C PRO C 26 10.37 18.43 4.39
N GLY C 27 10.83 18.97 3.27
CA GLY C 27 10.52 20.35 2.89
C GLY C 27 10.89 21.43 3.92
N GLY C 28 11.63 21.05 4.96
CA GLY C 28 11.94 21.97 6.06
C GLY C 28 10.71 22.22 6.94
N ILE C 29 9.81 21.24 7.00
CA ILE C 29 8.64 21.33 7.89
C ILE C 29 9.09 21.61 9.32
N ASP C 30 8.43 22.54 9.98
CA ASP C 30 8.78 22.86 11.38
C ASP C 30 7.56 23.23 12.22
N TYR C 31 6.37 22.88 11.75
CA TYR C 31 5.14 23.36 12.36
C TYR C 31 4.05 22.30 12.33
N VAL C 32 3.36 22.19 13.47
CA VAL C 32 2.21 21.32 13.62
C VAL C 32 0.96 22.18 13.84
N GLN C 33 -0.01 22.06 12.93
CA GLN C 33 -1.27 22.74 13.06
C GLN C 33 -2.25 21.85 13.85
N ASN C 34 -2.78 22.40 14.93
CA ASN C 34 -3.68 21.64 15.77
C ASN C 34 -4.77 22.53 16.33
N TYR C 35 -5.86 22.69 15.60
CA TYR C 35 -7.03 23.37 16.14
C TYR C 35 -8.09 22.29 16.34
N ASN C 36 -8.35 21.95 17.61
CA ASN C 36 -9.35 20.93 17.98
C ASN C 36 -8.98 19.53 17.46
N GLY C 37 -7.68 19.25 17.40
CA GLY C 37 -7.17 17.96 16.95
C GLY C 37 -7.69 16.80 17.79
N ASP C 38 -8.05 17.11 19.03
CA ASP C 38 -8.56 16.12 19.96
C ASP C 38 -9.84 15.43 19.47
N VAL C 39 -10.67 16.11 18.66
CA VAL C 39 -11.90 15.47 18.15
C VAL C 39 -11.66 14.66 16.87
N ALA C 40 -10.43 14.77 16.35
CA ALA C 40 -10.08 14.16 15.05
C ALA C 40 -9.02 13.10 15.16
N ASP C 41 -8.74 12.60 16.38
CA ASP C 41 -7.74 11.54 16.59
C ASP C 41 -6.42 11.90 15.83
N PHE C 42 -6.03 13.17 15.93
CA PHE C 42 -4.91 13.71 15.17
C PHE C 42 -3.57 13.20 15.70
N GLN C 43 -2.81 12.50 14.85
CA GLN C 43 -1.50 11.98 15.21
C GLN C 43 -0.51 12.42 14.15
N TYR C 44 0.75 12.69 14.53
CA TYR C 44 1.69 13.28 13.55
C TYR C 44 3.11 12.82 13.78
N ASN C 45 3.95 13.04 12.77
CA ASN C 45 5.37 12.76 12.86
C ASN C 45 6.04 13.86 12.03
N GLU C 46 6.60 14.86 12.72
CA GLU C 46 7.22 16.00 12.02
C GLU C 46 8.38 15.56 11.16
N GLY C 47 9.19 14.66 11.72
CA GLY C 47 10.41 14.09 11.09
C GLY C 47 10.14 13.30 9.82
N ALA C 48 9.00 12.59 9.80
CA ALA C 48 8.55 11.87 8.61
C ALA C 48 7.70 12.70 7.66
N GLY C 49 7.25 13.87 8.12
CA GLY C 49 6.27 14.68 7.39
C GLY C 49 4.94 13.96 7.20
N THR C 50 4.51 13.22 8.23
CA THR C 50 3.26 12.44 8.14
C THR C 50 2.27 12.78 9.24
N TYR C 51 1.00 12.60 8.94
CA TYR C 51 0.00 12.64 9.99
C TYR C 51 -1.22 11.85 9.58
N THR C 52 -2.02 11.51 10.60
CA THR C 52 -3.30 10.85 10.38
C THR C 52 -4.41 11.54 11.19
N CYS C 53 -5.64 11.39 10.73
CA CYS C 53 -6.78 11.77 11.55
C CYS C 53 -8.01 10.96 11.17
N GLY C 54 -9.01 11.00 12.04
CA GLY C 54 -10.23 10.24 11.87
C GLY C 54 -11.28 10.95 12.69
N TRP C 55 -12.41 11.26 12.07
CA TRP C 55 -13.38 12.09 12.76
C TRP C 55 -14.79 11.57 12.59
N ASP C 56 -15.67 12.00 13.48
CA ASP C 56 -17.09 11.70 13.37
C ASP C 56 -17.77 12.62 14.37
N GLY C 57 -18.28 13.74 13.88
CA GLY C 57 -18.81 14.74 14.81
C GLY C 57 -19.11 16.06 14.15
N SER C 58 -19.57 17.01 14.97
CA SER C 58 -20.12 18.27 14.46
C SER C 58 -19.33 19.45 14.99
N THR C 59 -18.06 19.20 15.32
CA THR C 59 -17.12 20.18 15.82
C THR C 59 -16.06 20.44 14.74
N ASP C 60 -15.82 21.71 14.44
CA ASP C 60 -14.79 22.07 13.49
C ASP C 60 -13.38 21.83 14.02
N PHE C 61 -12.53 21.19 13.21
CA PHE C 61 -11.12 21.07 13.52
C PHE C 61 -10.30 21.37 12.27
N VAL C 62 -9.07 21.82 12.50
CA VAL C 62 -8.08 22.03 11.43
C VAL C 62 -6.73 21.56 11.92
N VAL C 63 -6.22 20.52 11.25
CA VAL C 63 -4.98 19.87 11.65
C VAL C 63 -4.06 19.64 10.45
N GLY C 64 -2.76 19.63 10.70
CA GLY C 64 -1.80 19.21 9.67
C GLY C 64 -0.36 19.57 9.99
N LEU C 65 0.47 19.59 8.95
CA LEU C 65 1.90 19.86 9.09
C LEU C 65 2.34 20.88 8.08
N GLY C 66 3.34 21.68 8.44
CA GLY C 66 3.82 22.68 7.50
C GLY C 66 4.92 23.52 8.11
N TRP C 67 4.75 24.82 7.90
CA TRP C 67 5.81 25.80 8.16
C TRP C 67 5.26 26.92 9.04
N SER C 68 6.03 27.32 10.05
CA SER C 68 5.58 28.42 10.92
C SER C 68 5.56 29.76 10.19
N THR C 69 6.34 29.88 9.11
CA THR C 69 6.26 31.03 8.22
C THR C 69 5.94 30.60 6.79
N GLY C 70 4.80 31.06 6.28
CA GLY C 70 4.37 30.75 4.92
C GLY C 70 5.27 31.40 3.90
N ALA C 71 5.31 30.81 2.72
CA ALA C 71 6.01 31.39 1.57
C ALA C 71 5.29 30.94 0.29
N ALA C 72 5.66 31.55 -0.84
CA ALA C 72 5.25 31.04 -2.16
C ALA C 72 6.01 29.76 -2.53
N ARG C 73 5.94 28.75 -1.66
CA ARG C 73 6.70 27.52 -1.85
C ARG C 73 5.86 26.50 -2.63
N ASP C 74 6.50 25.51 -3.24
CA ASP C 74 5.76 24.40 -3.82
C ASP C 74 5.53 23.40 -2.72
N ILE C 75 4.29 22.99 -2.51
CA ILE C 75 4.00 22.00 -1.47
C ILE C 75 3.59 20.67 -2.12
N THR C 76 4.31 19.60 -1.76
CA THR C 76 4.03 18.27 -2.29
C THR C 76 3.40 17.40 -1.21
N TYR C 77 2.33 16.71 -1.58
CA TYR C 77 1.57 15.91 -0.62
C TYR C 77 1.11 14.60 -1.25
N SER C 78 0.90 13.59 -0.40
CA SER C 78 0.27 12.36 -0.86
C SER C 78 -0.68 11.95 0.27
N ALA C 79 -1.94 11.68 -0.07
CA ALA C 79 -2.96 11.45 0.95
C ALA C 79 -3.91 10.30 0.60
N THR C 80 -4.34 9.60 1.64
CA THR C 80 -5.58 8.86 1.56
C THR C 80 -6.59 9.74 2.30
N TYR C 81 -7.65 10.11 1.61
CA TYR C 81 -8.58 11.10 2.13
C TYR C 81 -10.00 10.64 1.88
N ASN C 82 -10.70 10.27 2.94
CA ASN C 82 -12.01 9.66 2.83
C ASN C 82 -13.05 10.51 3.56
N ALA C 83 -13.73 11.39 2.83
CA ALA C 83 -14.59 12.41 3.46
C ALA C 83 -15.99 12.41 2.85
N GLY C 84 -16.36 11.27 2.28
CA GLY C 84 -17.70 11.09 1.72
C GLY C 84 -18.74 11.37 2.79
N GLY C 85 -19.72 12.21 2.45
CA GLY C 85 -20.81 12.57 3.40
C GLY C 85 -20.38 13.55 4.49
N SER C 86 -19.18 14.12 4.37
CA SER C 86 -18.63 15.00 5.40
C SER C 86 -18.42 16.44 4.92
N GLY C 87 -18.64 17.42 5.79
CA GLY C 87 -18.24 18.82 5.50
C GLY C 87 -16.76 18.87 5.83
N SER C 88 -15.92 18.84 4.80
CA SER C 88 -14.48 18.62 4.99
C SER C 88 -13.67 19.12 3.81
N TYR C 89 -12.40 19.47 4.09
CA TYR C 89 -11.42 19.85 3.05
C TYR C 89 -10.09 19.16 3.25
N LEU C 90 -9.42 18.85 2.13
CA LEU C 90 -8.01 18.54 2.09
C LEU C 90 -7.38 19.75 1.39
N ALA C 91 -6.58 20.53 2.12
CA ALA C 91 -6.23 21.84 1.59
C ALA C 91 -4.91 22.36 2.10
N VAL C 92 -4.19 23.08 1.24
CA VAL C 92 -3.18 24.01 1.75
C VAL C 92 -3.98 25.07 2.54
N TYR C 93 -3.48 25.41 3.72
CA TYR C 93 -4.21 26.28 4.63
C TYR C 93 -3.23 27.22 5.33
N GLY C 94 -3.60 28.49 5.47
CA GLY C 94 -2.76 29.37 6.25
C GLY C 94 -3.32 30.75 6.39
N TRP C 95 -2.50 31.63 6.93
CA TRP C 95 -2.92 33.01 7.21
C TRP C 95 -1.90 34.05 6.76
N VAL C 96 -2.42 35.25 6.54
CA VAL C 96 -1.64 36.46 6.33
C VAL C 96 -2.03 37.44 7.44
N ASN C 97 -1.02 38.11 8.01
CA ASN C 97 -1.24 39.02 9.14
C ASN C 97 -1.92 40.34 8.80
N SER C 98 -1.53 40.96 7.69
CA SER C 98 -2.04 42.29 7.35
C SER C 98 -2.04 42.53 5.82
N PRO C 99 -3.21 42.81 5.23
CA PRO C 99 -4.55 42.77 5.82
C PRO C 99 -4.84 41.35 6.33
N GLN C 100 -5.55 41.21 7.44
CA GLN C 100 -5.77 39.87 8.01
C GLN C 100 -6.58 38.99 7.06
N ALA C 101 -6.02 37.82 6.75
CA ALA C 101 -6.68 36.90 5.81
C ALA C 101 -6.39 35.42 6.11
N GLU C 102 -7.40 34.60 5.88
CA GLU C 102 -7.28 33.13 6.03
C GLU C 102 -7.47 32.57 4.62
N TYR C 103 -6.66 31.60 4.23
CA TYR C 103 -6.73 31.11 2.86
C TYR C 103 -6.67 29.59 2.76
N TYR C 104 -7.21 29.09 1.65
CA TYR C 104 -7.28 27.66 1.38
C TYR C 104 -7.01 27.41 -0.08
N ILE C 105 -6.19 26.41 -0.37
CA ILE C 105 -6.10 25.82 -1.72
C ILE C 105 -6.63 24.38 -1.55
N VAL C 106 -7.90 24.19 -1.90
CA VAL C 106 -8.63 22.95 -1.67
C VAL C 106 -8.39 21.95 -2.83
N GLU C 107 -7.72 20.84 -2.50
CA GLU C 107 -7.36 19.78 -3.46
C GLU C 107 -8.45 18.71 -3.63
N SER C 108 -9.14 18.42 -2.53
CA SER C 108 -10.31 17.52 -2.50
C SER C 108 -11.18 17.97 -1.36
N TYR C 109 -12.45 17.60 -1.41
CA TYR C 109 -13.40 18.01 -0.38
C TYR C 109 -14.56 17.06 -0.31
N GLY C 110 -15.30 17.13 0.79
CA GLY C 110 -16.50 16.30 0.98
C GLY C 110 -17.72 16.90 0.31
N ASP C 111 -18.79 17.07 1.08
CA ASP C 111 -20.12 17.40 0.55
C ASP C 111 -20.29 18.89 0.22
N TYR C 112 -19.46 19.74 0.81
CA TYR C 112 -19.74 21.18 0.87
C TYR C 112 -18.70 21.94 0.01
N ASN C 113 -19.16 22.56 -1.06
CA ASN C 113 -18.27 23.40 -1.89
C ASN C 113 -18.18 24.79 -1.27
N PRO C 114 -16.97 25.18 -0.83
CA PRO C 114 -16.88 26.43 -0.06
C PRO C 114 -17.11 27.70 -0.91
N CYS C 115 -17.15 27.55 -2.24
CA CYS C 115 -17.45 28.69 -3.11
C CYS C 115 -18.93 28.81 -3.51
N SER C 116 -19.80 27.95 -2.97
CA SER C 116 -21.23 28.04 -3.26
C SER C 116 -21.83 29.35 -2.77
N ASN C 117 -21.47 29.75 -1.56
CA ASN C 117 -22.06 30.92 -0.91
C ASN C 117 -21.24 32.20 -1.04
N ALA C 118 -20.08 32.12 -1.68
CA ALA C 118 -19.10 33.20 -1.65
C ALA C 118 -19.13 34.07 -2.90
N GLU C 119 -18.43 35.20 -2.85
CA GLU C 119 -18.27 36.08 -4.01
C GLU C 119 -17.22 35.46 -4.94
N GLY C 120 -17.62 35.15 -6.18
CA GLY C 120 -16.72 34.57 -7.17
C GLY C 120 -15.67 35.56 -7.65
N LEU C 121 -14.46 35.08 -7.87
CA LEU C 121 -13.37 35.89 -8.39
C LEU C 121 -12.83 35.28 -9.68
N GLY C 122 -13.65 34.50 -10.37
CA GLY C 122 -13.23 33.81 -11.58
C GLY C 122 -12.44 32.54 -11.27
N THR C 123 -11.50 32.22 -12.16
CA THR C 123 -10.79 30.95 -12.11
C THR C 123 -9.33 31.18 -12.41
N LEU C 124 -8.48 30.22 -12.04
CA LEU C 124 -7.08 30.20 -12.44
C LEU C 124 -6.67 28.78 -12.85
N GLU C 125 -5.54 28.67 -13.53
CA GLU C 125 -4.95 27.38 -13.87
C GLU C 125 -3.70 27.13 -13.04
N SER C 126 -3.63 25.98 -12.37
CA SER C 126 -2.40 25.61 -11.72
C SER C 126 -2.32 24.10 -11.56
N ASP C 127 -1.12 23.59 -11.77
CA ASP C 127 -0.75 22.19 -11.50
C ASP C 127 -1.73 21.19 -12.10
N GLY C 128 -2.17 21.47 -13.33
CA GLY C 128 -2.97 20.51 -14.11
C GLY C 128 -4.45 20.59 -13.92
N SER C 129 -4.94 21.66 -13.29
CA SER C 129 -6.36 21.90 -13.14
C SER C 129 -6.77 23.38 -13.09
N THR C 130 -7.98 23.63 -13.52
CA THR C 130 -8.68 24.86 -13.23
C THR C 130 -9.08 24.82 -11.74
N TYR C 131 -9.01 25.99 -11.12
CA TYR C 131 -9.47 26.19 -9.75
C TYR C 131 -10.49 27.29 -9.77
N THR C 132 -11.65 27.06 -9.16
CA THR C 132 -12.62 28.11 -8.87
C THR C 132 -12.07 28.97 -7.71
N VAL C 133 -12.07 30.29 -7.91
CA VAL C 133 -11.50 31.23 -6.93
C VAL C 133 -12.63 32.08 -6.36
N CYS C 134 -12.68 32.18 -5.02
CA CYS C 134 -13.70 32.98 -4.37
C CYS C 134 -13.19 33.62 -3.07
N THR C 135 -14.01 34.49 -2.51
CA THR C 135 -13.61 35.27 -1.32
C THR C 135 -14.87 35.61 -0.51
N ASP C 136 -14.68 35.87 0.78
CA ASP C 136 -15.76 36.32 1.64
C ASP C 136 -15.16 37.01 2.86
N THR C 137 -16.01 37.68 3.63
CA THR C 137 -15.55 38.39 4.82
C THR C 137 -16.10 37.70 6.03
N ARG C 138 -15.22 37.51 7.01
CA ARG C 138 -15.60 37.02 8.33
C ARG C 138 -15.47 38.19 9.32
N THR C 139 -16.60 38.69 9.78
CA THR C 139 -16.63 39.87 10.66
C THR C 139 -16.66 39.47 12.14
N ASN C 140 -15.65 39.91 12.88
CA ASN C 140 -15.53 39.62 14.31
C ASN C 140 -15.77 38.12 14.63
N GLU C 141 -15.00 37.28 13.94
CA GLU C 141 -15.13 35.83 14.10
C GLU C 141 -13.86 35.31 14.75
N PRO C 142 -13.91 34.10 15.37
CA PRO C 142 -12.67 33.54 15.92
C PRO C 142 -11.54 33.43 14.88
N SER C 143 -10.35 33.86 15.25
CA SER C 143 -9.28 34.02 14.31
C SER C 143 -7.98 33.70 14.99
N ILE C 144 -6.89 33.77 14.23
CA ILE C 144 -5.56 33.68 14.83
C ILE C 144 -5.19 34.76 15.87
N THR C 145 -5.90 35.89 15.90
CA THR C 145 -5.66 36.93 16.93
C THR C 145 -6.73 36.99 18.02
N GLY C 146 -7.57 35.95 18.10
CA GLY C 146 -8.68 35.93 19.05
C GLY C 146 -9.99 35.98 18.30
N THR C 147 -10.56 37.19 18.24
CA THR C 147 -11.81 37.47 17.52
C THR C 147 -11.50 38.73 16.71
N SER C 148 -11.76 38.68 15.40
CA SER C 148 -11.35 39.79 14.55
C SER C 148 -11.98 39.68 13.17
N THR C 149 -11.78 40.73 12.36
CA THR C 149 -12.38 40.77 11.05
C THR C 149 -11.30 40.47 10.03
N PHE C 150 -11.59 39.49 9.17
CA PHE C 150 -10.61 39.03 8.20
C PHE C 150 -11.27 38.61 6.88
N THR C 151 -10.46 38.49 5.84
CA THR C 151 -10.95 38.05 4.54
C THR C 151 -10.51 36.60 4.31
N GLN C 152 -11.40 35.78 3.74
CA GLN C 152 -11.02 34.43 3.32
C GLN C 152 -10.75 34.45 1.82
N TYR C 153 -9.70 33.77 1.39
CA TYR C 153 -9.52 33.47 -0.04
C TYR C 153 -9.55 31.96 -0.21
N TRP C 154 -10.26 31.52 -1.25
CA TRP C 154 -10.36 30.11 -1.57
C TRP C 154 -9.99 29.87 -3.04
N SER C 155 -9.16 28.86 -3.30
CA SER C 155 -9.07 28.25 -4.64
C SER C 155 -9.48 26.78 -4.52
N VAL C 156 -10.49 26.38 -5.29
CA VAL C 156 -11.07 25.04 -5.18
C VAL C 156 -10.78 24.27 -6.48
N ARG C 157 -10.03 23.17 -6.36
CA ARG C 157 -9.64 22.39 -7.55
C ARG C 157 -10.87 21.75 -8.25
N GLN C 158 -11.02 22.00 -9.55
CA GLN C 158 -12.17 21.43 -10.27
C GLN C 158 -12.01 19.94 -10.52
N SER C 159 -10.80 19.49 -10.82
CA SER C 159 -10.50 18.06 -10.88
C SER C 159 -9.87 17.65 -9.57
N GLU C 160 -10.70 17.21 -8.62
CA GLU C 160 -10.19 16.85 -7.29
C GLU C 160 -9.11 15.76 -7.38
N ARG C 161 -8.11 15.83 -6.49
CA ARG C 161 -7.08 14.79 -6.41
C ARG C 161 -6.61 14.61 -4.98
N THR C 162 -5.92 13.52 -4.71
CA THR C 162 -5.39 13.28 -3.36
C THR C 162 -3.86 13.22 -3.33
N SER C 163 -3.21 13.55 -4.44
CA SER C 163 -1.73 13.66 -4.42
C SER C 163 -1.23 14.58 -5.53
N GLY C 164 -0.07 15.17 -5.30
CA GLY C 164 0.48 16.13 -6.26
C GLY C 164 1.26 17.23 -5.60
N THR C 165 1.56 18.25 -6.40
CA THR C 165 2.31 19.43 -5.97
C THR C 165 1.46 20.67 -6.17
N VAL C 166 1.40 21.51 -5.14
CA VAL C 166 0.68 22.78 -5.21
C VAL C 166 1.71 23.89 -5.36
N THR C 167 1.65 24.61 -6.47
CA THR C 167 2.52 25.76 -6.72
C THR C 167 1.78 26.94 -6.08
N VAL C 168 2.05 27.15 -4.79
CA VAL C 168 1.30 28.10 -3.97
C VAL C 168 1.39 29.51 -4.59
N GLY C 169 2.57 29.86 -5.09
CA GLY C 169 2.81 31.14 -5.81
C GLY C 169 1.71 31.50 -6.79
N ASN C 170 1.27 30.53 -7.59
CA ASN C 170 0.21 30.80 -8.56
C ASN C 170 -1.09 31.29 -7.92
N HIS C 171 -1.40 30.78 -6.74
CA HIS C 171 -2.62 31.19 -6.05
C HIS C 171 -2.47 32.57 -5.40
N PHE C 172 -1.36 32.75 -4.70
CA PHE C 172 -0.97 34.00 -4.05
C PHE C 172 -1.09 35.14 -5.08
N ASN C 173 -0.45 34.96 -6.24
CA ASN C 173 -0.46 35.98 -7.31
C ASN C 173 -1.83 36.37 -7.83
N TYR C 174 -2.70 35.38 -8.01
CA TYR C 174 -4.07 35.65 -8.41
C TYR C 174 -4.85 36.36 -7.30
N TRP C 175 -4.75 35.84 -6.08
CA TRP C 175 -5.43 36.46 -4.95
C TRP C 175 -4.94 37.88 -4.70
N ALA C 176 -3.64 38.11 -4.92
CA ALA C 176 -3.03 39.42 -4.71
C ALA C 176 -3.63 40.51 -5.63
N GLN C 177 -4.25 40.07 -6.73
CA GLN C 177 -5.01 40.98 -7.60
C GLN C 177 -6.37 41.35 -7.01
N HIS C 178 -6.74 40.68 -5.91
CA HIS C 178 -8.01 40.98 -5.23
C HIS C 178 -7.79 41.23 -3.73
N GLY C 179 -6.66 41.84 -3.41
CA GLY C 179 -6.45 42.43 -2.10
C GLY C 179 -5.66 41.60 -1.10
N PHE C 180 -5.18 40.43 -1.53
CA PHE C 180 -4.44 39.51 -0.66
C PHE C 180 -3.03 40.04 -0.44
N GLY C 181 -2.61 40.05 0.83
CA GLY C 181 -1.29 40.55 1.21
C GLY C 181 -0.17 39.54 1.18
N ASP C 182 0.97 39.89 1.77
CA ASP C 182 2.11 38.96 1.81
C ASP C 182 2.86 38.88 3.15
N SER C 183 2.22 39.31 4.23
CA SER C 183 2.79 39.15 5.57
C SER C 183 2.37 37.78 6.16
N TYR C 184 3.00 36.72 5.65
CA TYR C 184 2.58 35.35 5.93
C TYR C 184 2.76 34.96 7.39
N ASN C 185 1.68 34.40 7.94
CA ASN C 185 1.76 33.69 9.21
C ASN C 185 2.00 32.19 8.88
N PHE C 186 1.48 31.24 9.68
CA PHE C 186 1.79 29.82 9.42
C PHE C 186 1.11 29.32 8.13
N GLN C 187 1.55 28.15 7.67
CA GLN C 187 1.08 27.59 6.39
C GLN C 187 1.26 26.08 6.44
N VAL C 188 0.18 25.36 6.21
CA VAL C 188 0.25 23.88 6.36
C VAL C 188 -0.52 23.17 5.24
N MET C 189 -0.24 21.86 5.12
CA MET C 189 -1.10 20.97 4.35
C MET C 189 -2.03 20.36 5.40
N ALA C 190 -3.31 20.74 5.33
CA ALA C 190 -4.27 20.47 6.38
C ALA C 190 -5.43 19.55 5.97
N VAL C 191 -6.03 18.92 6.98
CA VAL C 191 -7.38 18.40 6.84
C VAL C 191 -8.27 19.20 7.78
N GLU C 192 -9.41 19.65 7.27
CA GLU C 192 -10.47 20.25 8.12
C GLU C 192 -11.76 19.49 7.98
N ALA C 193 -12.49 19.27 9.09
CA ALA C 193 -13.90 18.88 8.95
C ALA C 193 -14.76 19.54 10.03
N PHE C 194 -16.06 19.64 9.78
CA PHE C 194 -16.98 20.32 10.69
C PHE C 194 -18.31 19.59 10.80
N SER C 195 -18.49 18.53 10.00
CA SER C 195 -19.68 17.67 10.05
C SER C 195 -19.37 16.32 9.43
N GLY C 196 -20.13 15.31 9.85
CA GLY C 196 -19.97 13.96 9.24
C GLY C 196 -18.70 13.25 9.69
N SER C 197 -18.29 12.27 8.91
CA SER C 197 -17.20 11.39 9.36
C SER C 197 -16.21 11.16 8.23
N GLY C 198 -15.00 10.79 8.62
CA GLY C 198 -13.96 10.54 7.62
C GLY C 198 -12.68 10.05 8.22
N SER C 199 -11.72 9.76 7.34
CA SER C 199 -10.39 9.36 7.79
C SER C 199 -9.40 9.96 6.78
N ALA C 200 -8.21 10.26 7.24
CA ALA C 200 -7.15 10.73 6.35
C ALA C 200 -5.77 10.27 6.83
N SER C 201 -4.90 9.99 5.87
CA SER C 201 -3.50 9.72 6.14
C SER C 201 -2.72 10.56 5.13
N VAL C 202 -1.86 11.46 5.60
CA VAL C 202 -1.24 12.48 4.73
C VAL C 202 0.28 12.52 4.90
N SER C 203 1.00 12.62 3.78
CA SER C 203 2.44 12.82 3.80
C SER C 203 2.73 14.16 3.11
N VAL C 204 3.60 14.97 3.70
CA VAL C 204 3.84 16.32 3.21
C VAL C 204 5.34 16.56 3.04
N SER C 205 5.70 17.33 2.03
CA SER C 205 7.08 17.84 1.92
C SER C 205 7.09 19.15 1.10
N ASN D 25 4.83 -17.15 5.18
CA ASN D 25 4.67 -15.72 5.54
C ASN D 25 5.95 -14.92 5.21
N PRO D 26 5.82 -13.59 5.01
CA PRO D 26 6.98 -12.77 4.65
C PRO D 26 8.13 -12.96 5.63
N GLY D 27 9.33 -13.15 5.10
CA GLY D 27 10.53 -13.39 5.90
C GLY D 27 10.45 -14.54 6.89
N GLY D 28 9.49 -15.45 6.69
CA GLY D 28 9.27 -16.57 7.58
C GLY D 28 8.53 -16.19 8.88
N ILE D 29 7.84 -15.05 8.88
CA ILE D 29 7.17 -14.56 10.09
C ILE D 29 6.23 -15.65 10.61
N ASP D 30 6.29 -15.92 11.92
CA ASP D 30 5.47 -16.97 12.51
C ASP D 30 4.98 -16.63 13.92
N TYR D 31 5.07 -15.35 14.29
CA TYR D 31 4.78 -14.95 15.66
C TYR D 31 4.04 -13.62 15.70
N VAL D 32 3.07 -13.54 16.62
CA VAL D 32 2.32 -12.31 16.84
C VAL D 32 2.61 -11.86 18.27
N GLN D 33 3.17 -10.67 18.40
CA GLN D 33 3.47 -10.12 19.71
C GLN D 33 2.27 -9.31 20.17
N ASN D 34 1.72 -9.67 21.32
CA ASN D 34 0.51 -8.99 21.81
C ASN D 34 0.60 -8.83 23.31
N TYR D 35 1.31 -7.77 23.74
CA TYR D 35 1.30 -7.42 25.15
C TYR D 35 0.36 -6.21 25.32
N ASN D 36 -0.79 -6.44 25.96
CA ASN D 36 -1.79 -5.37 26.19
C ASN D 36 -2.26 -4.71 24.89
N GLY D 37 -2.34 -5.50 23.82
CA GLY D 37 -2.72 -4.98 22.51
C GLY D 37 -4.13 -4.40 22.49
N ASP D 38 -4.94 -4.82 23.47
CA ASP D 38 -6.34 -4.40 23.52
C ASP D 38 -6.44 -2.87 23.69
N VAL D 39 -5.45 -2.28 24.33
CA VAL D 39 -5.37 -0.86 24.59
C VAL D 39 -4.85 -0.08 23.34
N ALA D 40 -4.36 -0.81 22.32
CA ALA D 40 -3.78 -0.15 21.16
C ALA D 40 -4.49 -0.47 19.86
N ASP D 41 -5.75 -0.92 19.91
CA ASP D 41 -6.48 -1.26 18.69
C ASP D 41 -5.59 -2.08 17.71
N PHE D 42 -4.86 -3.05 18.25
CA PHE D 42 -3.85 -3.80 17.47
C PHE D 42 -4.54 -4.79 16.52
N GLN D 43 -4.30 -4.64 15.21
CA GLN D 43 -4.89 -5.53 14.20
C GLN D 43 -3.74 -6.05 13.32
N TYR D 44 -3.83 -7.29 12.88
CA TYR D 44 -2.67 -7.87 12.17
C TYR D 44 -3.11 -8.85 11.08
N ASN D 45 -2.16 -9.11 10.17
CA ASN D 45 -2.32 -10.11 9.11
C ASN D 45 -0.95 -10.78 8.96
N GLU D 46 -0.82 -11.94 9.60
CA GLU D 46 0.42 -12.73 9.56
C GLU D 46 0.89 -13.07 8.13
N GLY D 47 -0.06 -13.46 7.27
CA GLY D 47 0.25 -13.83 5.88
C GLY D 47 0.74 -12.67 5.02
N ALA D 48 0.24 -11.45 5.30
CA ALA D 48 0.70 -10.31 4.56
C ALA D 48 1.90 -9.59 5.25
N GLY D 49 2.19 -10.02 6.48
CA GLY D 49 3.23 -9.39 7.34
C GLY D 49 2.90 -7.95 7.69
N THR D 50 1.61 -7.68 7.91
CA THR D 50 1.18 -6.31 8.20
C THR D 50 0.48 -6.21 9.56
N TYR D 51 0.54 -5.03 10.13
CA TYR D 51 -0.28 -4.72 11.31
C TYR D 51 -0.55 -3.24 11.44
N THR D 52 -1.57 -2.93 12.23
CA THR D 52 -1.90 -1.56 12.55
C THR D 52 -2.15 -1.45 14.05
N CYS D 53 -1.95 -0.24 14.57
CA CYS D 53 -2.37 0.07 15.93
C CYS D 53 -2.65 1.57 16.08
N GLY D 54 -3.42 1.93 17.11
CA GLY D 54 -3.75 3.34 17.41
C GLY D 54 -3.97 3.40 18.91
N TRP D 55 -3.34 4.36 19.56
CA TRP D 55 -3.39 4.43 21.02
C TRP D 55 -3.64 5.85 21.51
N ASP D 56 -4.12 5.92 22.74
CA ASP D 56 -4.33 7.20 23.44
C ASP D 56 -4.55 6.79 24.90
N GLY D 57 -3.45 6.73 25.65
CA GLY D 57 -3.56 6.23 27.00
C GLY D 57 -2.22 6.08 27.70
N SER D 58 -2.30 5.70 28.98
CA SER D 58 -1.13 5.70 29.85
C SER D 58 -0.73 4.30 30.32
N THR D 59 -1.15 3.30 29.56
CA THR D 59 -0.85 1.90 29.89
C THR D 59 0.20 1.45 28.88
N ASP D 60 1.20 0.71 29.34
CA ASP D 60 2.21 0.16 28.41
C ASP D 60 1.64 -1.00 27.58
N PHE D 61 1.96 -1.01 26.29
CA PHE D 61 1.67 -2.14 25.39
C PHE D 61 2.86 -2.35 24.47
N VAL D 62 3.06 -3.59 24.06
CA VAL D 62 4.05 -3.89 23.01
C VAL D 62 3.39 -4.88 22.06
N VAL D 63 3.30 -4.48 20.79
CA VAL D 63 2.62 -5.26 19.73
C VAL D 63 3.45 -5.33 18.45
N GLY D 64 3.27 -6.42 17.69
CA GLY D 64 3.79 -6.46 16.31
C GLY D 64 3.88 -7.88 15.77
N LEU D 65 4.75 -8.06 14.78
CA LEU D 65 4.93 -9.37 14.14
C LEU D 65 6.42 -9.73 14.06
N GLY D 66 6.73 -11.03 14.06
CA GLY D 66 8.10 -11.46 13.83
C GLY D 66 8.22 -12.96 13.95
N TRP D 67 9.14 -13.39 14.82
CA TRP D 67 9.63 -14.76 14.82
C TRP D 67 9.64 -15.29 16.24
N SER D 68 9.18 -16.53 16.41
CA SER D 68 9.13 -17.12 17.76
C SER D 68 10.53 -17.48 18.31
N THR D 69 11.50 -17.60 17.40
CA THR D 69 12.92 -17.74 17.76
C THR D 69 13.72 -16.66 17.05
N GLY D 70 14.35 -15.80 17.85
CA GLY D 70 15.11 -14.70 17.29
C GLY D 70 16.41 -15.18 16.65
N ALA D 71 17.02 -14.29 15.87
CA ALA D 71 18.32 -14.54 15.22
C ALA D 71 18.98 -13.24 14.76
N ALA D 72 20.25 -13.34 14.35
CA ALA D 72 20.91 -12.21 13.67
C ALA D 72 20.42 -12.05 12.22
N ARG D 73 19.11 -11.92 12.04
CA ARG D 73 18.51 -11.76 10.70
C ARG D 73 18.42 -10.29 10.34
N ASP D 74 18.30 -10.00 9.06
CA ASP D 74 17.98 -8.67 8.59
C ASP D 74 16.48 -8.51 8.62
N ILE D 75 16.01 -7.50 9.36
CA ILE D 75 14.57 -7.23 9.44
C ILE D 75 14.23 -6.02 8.61
N THR D 76 13.40 -6.26 7.60
CA THR D 76 12.99 -5.19 6.71
C THR D 76 11.58 -4.73 7.12
N TYR D 77 11.38 -3.42 7.15
CA TYR D 77 10.08 -2.90 7.56
C TYR D 77 9.78 -1.65 6.79
N SER D 78 8.49 -1.37 6.66
CA SER D 78 8.03 -0.10 6.17
C SER D 78 6.86 0.31 7.03
N ALA D 79 6.91 1.54 7.56
CA ALA D 79 5.87 2.01 8.50
C ALA D 79 5.39 3.42 8.25
N THR D 80 4.14 3.66 8.57
CA THR D 80 3.64 4.99 8.84
C THR D 80 3.54 5.02 10.36
N TYR D 81 4.29 5.92 10.99
CA TYR D 81 4.47 5.87 12.45
C TYR D 81 4.31 7.30 12.98
N ASN D 82 3.15 7.56 13.58
CA ASN D 82 2.79 8.90 14.02
C ASN D 82 2.68 8.94 15.54
N ALA D 83 3.75 9.36 16.20
CA ALA D 83 3.85 9.25 17.64
C ALA D 83 4.34 10.53 18.30
N GLY D 84 4.23 11.66 17.61
CA GLY D 84 4.56 12.96 18.19
C GLY D 84 3.86 13.21 19.50
N GLY D 85 4.61 13.59 20.53
CA GLY D 85 4.01 13.85 21.85
C GLY D 85 3.69 12.61 22.70
N SER D 86 4.08 11.44 22.20
CA SER D 86 3.85 10.16 22.87
C SER D 86 5.15 9.55 23.39
N GLY D 87 5.09 8.87 24.54
CA GLY D 87 6.16 7.95 24.98
C GLY D 87 6.00 6.61 24.24
N SER D 88 6.80 6.42 23.18
CA SER D 88 6.55 5.37 22.18
C SER D 88 7.85 5.05 21.44
N TYR D 89 7.98 3.79 20.98
CA TYR D 89 9.07 3.35 20.12
C TYR D 89 8.51 2.61 18.92
N LEU D 90 9.19 2.75 17.78
CA LEU D 90 9.05 1.86 16.63
C LEU D 90 10.39 1.12 16.62
N ALA D 91 10.36 -0.18 16.90
CA ALA D 91 11.58 -0.88 17.28
C ALA D 91 11.59 -2.37 17.00
N VAL D 92 12.78 -2.90 16.64
CA VAL D 92 13.01 -4.32 16.83
C VAL D 92 13.03 -4.60 18.31
N TYR D 93 12.31 -5.64 18.72
CA TYR D 93 12.11 -5.94 20.12
C TYR D 93 12.22 -7.43 20.36
N GLY D 94 12.92 -7.82 21.41
CA GLY D 94 13.01 -9.23 21.74
C GLY D 94 13.73 -9.58 23.02
N TRP D 95 13.90 -10.87 23.27
CA TRP D 95 14.51 -11.35 24.51
C TRP D 95 15.56 -12.41 24.25
N VAL D 96 16.47 -12.56 25.23
CA VAL D 96 17.43 -13.66 25.29
C VAL D 96 17.20 -14.38 26.61
N ASN D 97 17.24 -15.70 26.59
CA ASN D 97 16.91 -16.48 27.77
C ASN D 97 17.99 -16.45 28.83
N SER D 98 19.25 -16.47 28.41
CA SER D 98 20.34 -16.64 29.40
C SER D 98 21.67 -16.11 28.85
N PRO D 99 22.26 -15.08 29.52
CA PRO D 99 21.66 -14.43 30.70
C PRO D 99 20.39 -13.70 30.24
N GLN D 100 19.42 -13.56 31.13
CA GLN D 100 18.15 -13.01 30.72
C GLN D 100 18.29 -11.56 30.33
N ALA D 101 17.80 -11.22 29.13
CA ALA D 101 17.95 -9.87 28.59
C ALA D 101 16.76 -9.49 27.71
N GLU D 102 16.37 -8.23 27.80
CA GLU D 102 15.34 -7.64 26.95
C GLU D 102 16.04 -6.62 26.05
N TYR D 103 15.77 -6.61 24.75
CA TYR D 103 16.47 -5.69 23.85
C TYR D 103 15.59 -4.95 22.84
N TYR D 104 16.04 -3.75 22.49
CA TYR D 104 15.38 -2.91 21.53
C TYR D 104 16.40 -2.34 20.53
N ILE D 105 15.99 -2.31 19.27
CA ILE D 105 16.67 -1.49 18.28
C ILE D 105 15.66 -0.46 17.81
N VAL D 106 15.75 0.74 18.38
CA VAL D 106 14.75 1.81 18.15
C VAL D 106 15.01 2.63 16.88
N GLU D 107 14.08 2.55 15.93
CA GLU D 107 14.21 3.20 14.63
C GLU D 107 13.66 4.60 14.61
N SER D 108 12.60 4.81 15.40
CA SER D 108 11.90 6.09 15.52
C SER D 108 11.25 6.06 16.90
N TYR D 109 11.09 7.23 17.50
CA TYR D 109 10.43 7.28 18.81
C TYR D 109 9.73 8.62 18.99
N GLY D 110 8.92 8.73 20.04
CA GLY D 110 8.19 9.95 20.30
C GLY D 110 9.04 10.84 21.19
N ASP D 111 8.51 11.18 22.37
CA ASP D 111 9.13 12.20 23.22
C ASP D 111 10.30 11.72 24.07
N TYR D 112 10.37 10.42 24.31
CA TYR D 112 11.20 9.87 25.36
C TYR D 112 12.36 9.06 24.75
N ASN D 113 13.58 9.57 24.91
CA ASN D 113 14.77 8.80 24.57
C ASN D 113 15.13 7.85 25.72
N PRO D 114 15.05 6.53 25.46
CA PRO D 114 15.26 5.59 26.54
C PRO D 114 16.71 5.55 27.06
N CYS D 115 17.65 6.17 26.34
CA CYS D 115 19.01 6.26 26.86
C CYS D 115 19.29 7.46 27.80
N SER D 116 18.37 8.44 27.84
CA SER D 116 18.52 9.62 28.71
C SER D 116 18.84 9.24 30.15
N ASN D 117 18.18 8.18 30.63
CA ASN D 117 18.27 7.74 32.01
C ASN D 117 18.76 6.28 32.16
N ALA D 118 19.68 5.87 31.29
CA ALA D 118 20.31 4.55 31.37
C ALA D 118 21.84 4.70 31.44
N GLU D 119 22.56 3.60 31.59
CA GLU D 119 24.03 3.61 31.57
C GLU D 119 24.53 3.53 30.13
N GLY D 120 25.18 4.59 29.66
CA GLY D 120 25.72 4.62 28.28
C GLY D 120 26.69 3.48 28.02
N LEU D 121 26.65 2.96 26.80
CA LEU D 121 27.64 1.97 26.33
C LEU D 121 28.18 2.44 24.99
N GLY D 122 28.43 3.75 24.88
CA GLY D 122 28.95 4.29 23.64
C GLY D 122 27.96 4.20 22.49
N THR D 123 28.51 4.07 21.28
CA THR D 123 27.70 4.15 20.07
C THR D 123 28.15 3.10 19.05
N LEU D 124 27.31 2.84 18.06
CA LEU D 124 27.67 1.95 16.94
C LEU D 124 27.09 2.52 15.65
N GLU D 125 27.60 2.08 14.50
CA GLU D 125 27.03 2.51 13.22
C GLU D 125 26.37 1.29 12.60
N SER D 126 25.23 1.52 11.93
CA SER D 126 24.47 0.45 11.27
C SER D 126 23.34 1.02 10.42
N ASP D 127 23.23 0.52 9.19
CA ASP D 127 22.15 0.89 8.28
C ASP D 127 21.97 2.41 8.04
N GLY D 128 23.11 3.09 7.93
CA GLY D 128 23.12 4.49 7.53
C GLY D 128 23.04 5.51 8.66
N SER D 129 23.15 5.05 9.89
CA SER D 129 23.07 5.95 11.04
C SER D 129 23.91 5.46 12.24
N THR D 130 24.33 6.41 13.07
CA THR D 130 24.85 6.09 14.38
C THR D 130 23.66 5.70 15.29
N TYR D 131 23.91 4.79 16.22
CA TYR D 131 22.95 4.47 17.27
C TYR D 131 23.59 4.76 18.64
N THR D 132 22.88 5.50 19.49
CA THR D 132 23.25 5.57 20.91
C THR D 132 22.96 4.23 21.56
N VAL D 133 23.95 3.68 22.25
CA VAL D 133 23.77 2.38 22.89
C VAL D 133 23.85 2.51 24.40
N CYS D 134 22.89 1.91 25.09
CA CYS D 134 22.85 2.02 26.52
C CYS D 134 22.25 0.76 27.12
N THR D 135 22.36 0.63 28.44
CA THR D 135 21.98 -0.57 29.13
C THR D 135 21.41 -0.22 30.51
N ASP D 136 20.62 -1.11 31.09
CA ASP D 136 20.21 -0.97 32.48
C ASP D 136 19.83 -2.30 33.10
N THR D 137 19.84 -2.37 34.42
CA THR D 137 19.47 -3.58 35.12
C THR D 137 18.04 -3.41 35.62
N ARG D 138 17.18 -4.37 35.27
CA ARG D 138 15.81 -4.40 35.82
C ARG D 138 15.78 -5.48 36.85
N THR D 139 15.69 -5.09 38.12
CA THR D 139 15.80 -6.04 39.24
C THR D 139 14.41 -6.44 39.71
N ASN D 140 14.15 -7.74 39.69
CA ASN D 140 12.86 -8.28 40.14
C ASN D 140 11.68 -7.53 39.52
N GLU D 141 11.72 -7.41 38.19
CA GLU D 141 10.68 -6.73 37.42
C GLU D 141 9.89 -7.75 36.60
N PRO D 142 8.64 -7.42 36.22
CA PRO D 142 7.90 -8.30 35.29
C PRO D 142 8.71 -8.67 34.06
N SER D 143 8.75 -9.96 33.73
CA SER D 143 9.54 -10.45 32.61
C SER D 143 8.85 -11.63 31.92
N ILE D 144 9.52 -12.20 30.90
CA ILE D 144 9.06 -13.41 30.20
C ILE D 144 9.13 -14.67 31.11
N THR D 145 9.57 -14.47 32.34
CA THR D 145 9.76 -15.54 33.27
C THR D 145 8.92 -15.29 34.55
N GLY D 146 8.03 -14.30 34.46
CA GLY D 146 7.17 -13.87 35.57
C GLY D 146 7.73 -12.59 36.14
N THR D 147 8.50 -12.72 37.22
CA THR D 147 9.21 -11.61 37.85
C THR D 147 10.66 -12.06 38.01
N SER D 148 11.61 -11.26 37.55
CA SER D 148 13.01 -11.70 37.60
C SER D 148 13.95 -10.55 37.35
N THR D 149 15.26 -10.79 37.50
CA THR D 149 16.19 -9.74 37.10
C THR D 149 16.91 -9.98 35.80
N PHE D 150 16.89 -8.96 34.96
CA PHE D 150 17.40 -9.04 33.61
C PHE D 150 18.04 -7.71 33.22
N THR D 151 18.89 -7.76 32.19
CA THR D 151 19.39 -6.49 31.65
C THR D 151 18.73 -6.09 30.33
N GLN D 152 18.44 -4.81 30.23
CA GLN D 152 17.95 -4.24 29.00
C GLN D 152 19.11 -3.73 28.20
N TYR D 153 19.06 -4.00 26.90
CA TYR D 153 19.96 -3.38 25.94
C TYR D 153 19.17 -2.54 24.95
N TRP D 154 19.64 -1.33 24.70
CA TRP D 154 19.02 -0.42 23.75
C TRP D 154 20.03 0.10 22.71
N SER D 155 19.65 0.08 21.44
CA SER D 155 20.27 0.92 20.40
C SER D 155 19.23 1.89 19.91
N VAL D 156 19.54 3.18 20.01
CA VAL D 156 18.60 4.21 19.61
C VAL D 156 19.13 4.95 18.40
N ARG D 157 18.39 4.87 17.28
CA ARG D 157 18.81 5.48 16.02
C ARG D 157 18.88 7.00 16.13
N GLN D 158 20.05 7.59 15.81
CA GLN D 158 20.20 9.03 15.89
C GLN D 158 19.50 9.75 14.74
N SER D 159 19.54 9.17 13.54
CA SER D 159 18.78 9.71 12.41
C SER D 159 17.52 8.87 12.28
N GLU D 160 16.44 9.27 12.94
CA GLU D 160 15.21 8.45 12.97
C GLU D 160 14.63 8.26 11.57
N ARG D 161 14.04 7.08 11.34
CA ARG D 161 13.42 6.77 10.04
C ARG D 161 12.24 5.83 10.25
N THR D 162 11.42 5.67 9.21
CA THR D 162 10.21 4.82 9.27
C THR D 162 10.18 3.68 8.23
N SER D 163 11.26 3.52 7.49
CA SER D 163 11.44 2.33 6.63
C SER D 163 12.92 2.05 6.42
N GLY D 164 13.23 0.79 6.19
CA GLY D 164 14.61 0.39 5.89
C GLY D 164 14.83 -1.02 6.36
N THR D 165 16.10 -1.41 6.43
CA THR D 165 16.48 -2.70 6.92
C THR D 165 17.33 -2.57 8.19
N VAL D 166 17.02 -3.39 9.18
CA VAL D 166 17.83 -3.47 10.38
C VAL D 166 18.72 -4.71 10.32
N THR D 167 20.02 -4.46 10.22
CA THR D 167 20.99 -5.55 10.30
C THR D 167 21.23 -5.83 11.76
N VAL D 168 20.42 -6.76 12.28
CA VAL D 168 20.32 -7.05 13.70
C VAL D 168 21.69 -7.52 14.19
N GLY D 169 22.40 -8.22 13.30
CA GLY D 169 23.77 -8.66 13.57
C GLY D 169 24.71 -7.60 14.15
N ASN D 170 24.68 -6.38 13.59
CA ASN D 170 25.52 -5.28 14.07
C ASN D 170 25.25 -4.96 15.54
N HIS D 171 23.98 -5.08 15.94
CA HIS D 171 23.58 -4.73 17.32
C HIS D 171 23.95 -5.86 18.27
N PHE D 172 23.61 -7.08 17.88
CA PHE D 172 23.93 -8.27 18.67
C PHE D 172 25.45 -8.34 18.93
N ASN D 173 26.23 -8.12 17.87
CA ASN D 173 27.71 -8.21 17.98
C ASN D 173 28.25 -7.16 18.96
N TYR D 174 27.78 -5.93 18.83
CA TYR D 174 28.18 -4.90 19.79
C TYR D 174 27.77 -5.23 21.23
N TRP D 175 26.48 -5.51 21.45
CA TRP D 175 26.01 -5.87 22.78
C TRP D 175 26.72 -7.09 23.39
N ALA D 176 27.10 -8.06 22.55
CA ALA D 176 27.72 -9.30 23.05
C ALA D 176 29.12 -9.04 23.61
N GLN D 177 29.69 -7.91 23.22
CA GLN D 177 30.96 -7.44 23.77
C GLN D 177 30.73 -6.80 25.13
N HIS D 178 29.46 -6.72 25.54
CA HIS D 178 29.09 -6.24 26.86
C HIS D 178 28.05 -7.11 27.57
N GLY D 179 28.21 -8.43 27.46
CA GLY D 179 27.47 -9.35 28.30
C GLY D 179 26.27 -10.03 27.64
N PHE D 180 25.88 -9.57 26.46
CA PHE D 180 24.66 -10.08 25.76
C PHE D 180 24.87 -11.51 25.29
N GLY D 181 23.94 -12.40 25.64
CA GLY D 181 23.98 -13.82 25.22
C GLY D 181 23.42 -14.09 23.83
N ASP D 182 23.12 -15.36 23.54
CA ASP D 182 22.60 -15.75 22.23
C ASP D 182 21.53 -16.86 22.24
N SER D 183 21.01 -17.16 23.43
CA SER D 183 19.89 -18.09 23.56
C SER D 183 18.57 -17.32 23.31
N TYR D 184 18.31 -17.02 22.03
CA TYR D 184 17.23 -16.11 21.62
C TYR D 184 15.85 -16.65 21.94
N ASN D 185 15.02 -15.81 22.54
CA ASN D 185 13.59 -16.08 22.72
C ASN D 185 12.90 -15.38 21.52
N PHE D 186 11.65 -14.90 21.64
CA PHE D 186 10.99 -14.28 20.48
C PHE D 186 11.66 -12.97 20.03
N GLN D 187 11.32 -12.55 18.82
CA GLN D 187 11.91 -11.35 18.17
C GLN D 187 10.93 -10.78 17.16
N VAL D 188 10.59 -9.50 17.33
CA VAL D 188 9.54 -8.88 16.51
C VAL D 188 9.91 -7.48 16.06
N MET D 189 9.27 -7.03 14.98
CA MET D 189 9.23 -5.61 14.66
C MET D 189 8.00 -5.01 15.34
N ALA D 190 8.22 -4.14 16.33
CA ALA D 190 7.20 -3.74 17.27
C ALA D 190 6.87 -2.24 17.28
N VAL D 191 5.67 -1.97 17.78
CA VAL D 191 5.33 -0.65 18.26
C VAL D 191 5.06 -0.77 19.75
N GLU D 192 5.71 0.10 20.52
CA GLU D 192 5.39 0.21 21.95
C GLU D 192 4.98 1.63 22.26
N ALA D 193 4.02 1.81 23.17
CA ALA D 193 3.77 3.11 23.79
C ALA D 193 3.25 2.93 25.22
N PHE D 194 3.53 3.94 26.05
CA PHE D 194 3.13 3.91 27.45
C PHE D 194 2.52 5.24 27.89
N SER D 195 2.42 6.21 26.97
CA SER D 195 1.84 7.55 27.23
C SER D 195 1.52 8.26 25.93
N GLY D 196 0.55 9.16 25.99
CA GLY D 196 0.20 9.98 24.86
C GLY D 196 -0.60 9.19 23.83
N SER D 197 -0.55 9.65 22.59
CA SER D 197 -1.38 9.10 21.53
C SER D 197 -0.57 8.90 20.24
N GLY D 198 -1.04 8.03 19.35
CA GLY D 198 -0.40 7.91 18.05
C GLY D 198 -1.12 6.90 17.18
N SER D 199 -0.59 6.69 15.98
CA SER D 199 -1.12 5.66 15.08
C SER D 199 0.10 5.06 14.37
N ALA D 200 -0.03 3.80 13.92
CA ALA D 200 1.03 3.13 13.16
C ALA D 200 0.41 2.12 12.21
N SER D 201 0.96 2.08 10.99
CA SER D 201 0.71 0.98 10.05
C SER D 201 2.10 0.45 9.65
N VAL D 202 2.33 -0.86 9.84
CA VAL D 202 3.66 -1.46 9.69
C VAL D 202 3.58 -2.69 8.78
N SER D 203 4.56 -2.77 7.87
CA SER D 203 4.76 -3.94 7.04
C SER D 203 6.16 -4.48 7.37
N VAL D 204 6.25 -5.81 7.58
CA VAL D 204 7.45 -6.49 8.08
C VAL D 204 7.82 -7.68 7.17
N SER D 205 9.12 -7.89 7.00
CA SER D 205 9.61 -9.06 6.27
C SER D 205 11.03 -9.44 6.73
S CXS E . -27.50 -11.82 8.78
O1 CXS E . -26.36 -12.37 9.56
O2 CXS E . -28.27 -12.90 8.11
O3 CXS E . -28.41 -11.08 9.69
C1 CXS E . -26.88 -10.74 7.68
C2 CXS E . -27.90 -10.52 6.58
C3 CXS E . -27.80 -9.12 6.01
N CXS E . -27.35 -9.12 4.65
C4 CXS E . -27.37 -7.89 3.86
C5 CXS E . -28.60 -7.82 2.96
C6 CXS E . -28.58 -6.54 2.13
C7 CXS E . -27.28 -6.40 1.32
C8 CXS E . -26.03 -6.54 2.18
C9 CXS E . -26.09 -7.83 3.02
S CXS F . -6.74 -15.55 -15.95
O1 CXS F . -5.83 -16.70 -15.76
O2 CXS F . -7.80 -15.87 -16.96
O3 CXS F . -7.36 -15.23 -14.66
C1 CXS F . -5.84 -14.24 -16.47
C2 CXS F . -6.73 -13.10 -16.96
C3 CXS F . -5.99 -12.08 -17.81
N CXS F . -6.89 -11.18 -18.53
C4 CXS F . -6.68 -9.76 -18.88
C5 CXS F . -7.03 -9.46 -20.33
C6 CXS F . -7.03 -7.95 -20.70
C7 CXS F . -5.96 -7.10 -20.00
C8 CXS F . -4.86 -7.92 -19.30
C9 CXS F . -5.38 -9.07 -18.43
S CXS G . 21.80 -1.28 -24.99
O1 CXS G . 22.99 -2.05 -24.55
O2 CXS G . 21.01 -0.83 -23.83
O3 CXS G . 22.21 -0.09 -25.76
C1 CXS G . 20.88 -2.28 -25.97
C2 CXS G . 19.60 -1.57 -26.37
C3 CXS G . 19.00 -2.15 -27.63
N CXS G . 17.77 -2.85 -27.37
C4 CXS G . 16.90 -3.25 -28.49
C5 CXS G . 15.95 -2.10 -28.85
C6 CXS G . 15.03 -2.48 -30.01
C7 CXS G . 14.25 -3.77 -29.71
C8 CXS G . 15.17 -4.92 -29.31
C9 CXS G . 16.15 -4.54 -28.18
S CXS H . -15.44 28.67 14.00
O1 CXS H . -15.68 30.04 13.48
O2 CXS H . -15.72 28.61 15.45
O3 CXS H . -16.33 27.72 13.31
C1 CXS H . -13.87 28.20 13.77
C2 CXS H . -12.96 29.34 14.21
C3 CXS H . -11.62 28.85 14.69
N CXS H . -10.75 28.51 13.58
C4 CXS H . -9.33 28.85 13.51
C5 CXS H . -8.52 27.61 13.08
C6 CXS H . -7.03 27.91 12.94
C7 CXS H . -6.42 28.78 14.03
C8 CXS H . -7.32 29.89 14.56
C9 CXS H . -8.76 29.45 14.80
S CXS I . 5.81 -2.92 33.21
O1 CXS I . 6.67 -2.06 32.34
O2 CXS I . 6.64 -3.46 34.32
O3 CXS I . 4.71 -2.10 33.76
C1 CXS I . 5.19 -4.15 32.28
C2 CXS I . 6.29 -5.12 31.92
C3 CXS I . 6.20 -5.51 30.46
N CXS I . 6.54 -6.90 30.21
C4 CXS I . 6.13 -7.57 28.98
C5 CXS I . 6.47 -9.07 29.08
C6 CXS I . 6.85 -9.75 27.76
C7 CXS I . 6.25 -9.09 26.52
C8 CXS I . 6.45 -7.57 26.43
C9 CXS I . 6.76 -6.89 27.76
#